data_6EY0
#
_entry.id   6EY0
#
_cell.length_a   80.283
_cell.length_b   99.924
_cell.length_c   80.291
_cell.angle_alpha   90.00
_cell.angle_beta   93.83
_cell.angle_gamma   90.00
#
_symmetry.space_group_name_H-M   'P 1 21 1'
#
loop_
_entity.id
_entity.type
_entity.pdbx_description
1 polymer 'T9SS component cytoplasmic membrane protein PorM'
2 polymer 'llama nanobody nb01'
3 polymer 'llama nanobody nb01'
4 water water
#
loop_
_entity_poly.entity_id
_entity_poly.type
_entity_poly.pdbx_seq_one_letter_code
_entity_poly.pdbx_strand_id
1 'polypeptide(L)'
;MGHHHHHHSSGVDLGTENLYFQSSLTSSIDGSDKRNNLVLSELNTAYRTNPEKVKVWYERSLVLQKEADSLCTFIDDLKL
AIARESDGKDAKVNDIRRKDNLDASSVVMLNPINGKGSTLRKEVDKFRELVATLMTDKAKLKLIEQALNTESGTKGKSWE
SSLFENMPTVAAITLLTKLQSDVRYAQGEVLADLVKS
;
A,B,C,D
2 'polypeptide(L)'
;MADVQLVESGGGLVQAGGSLRVSCAASGRTFSSYSMGWFRQAPGKEREFVAAISRSDNSTYYADSVKGRFTISRDSAKNT
VYLQMNSLKPEDTAVYYCAATPYGSRYYLRELREYDYWGQGTQVTVSSHHHHHH
;
E,G,H
3 'polypeptide(L)'
;METADVQLVESGGGLVQAGGSLRVSCAASGRTFSSYSMGWFRQAPGKEREFVAAISRSDNSTYYADSVKGRFTISRDSAK
NTVYLQMNSLKPEDTAVYYCAATPYGSRYYLRELREYDYWGQGTQVTVSSHHHHHH
;
F
#
# COMPACT_ATOMS: atom_id res chain seq x y z
N ASN A 50 -36.81 -33.24 33.02
CA ASN A 50 -36.28 -31.94 33.43
C ASN A 50 -35.02 -31.52 32.61
N PRO A 51 -33.95 -32.36 32.49
CA PRO A 51 -32.80 -31.95 31.67
C PRO A 51 -32.90 -32.46 30.21
N GLU A 52 -32.74 -31.58 29.22
CA GLU A 52 -32.80 -31.97 27.81
C GLU A 52 -31.49 -31.64 27.02
N LYS A 53 -31.09 -30.35 26.94
CA LYS A 53 -29.93 -29.82 26.23
C LYS A 53 -28.78 -29.36 27.18
N VAL A 54 -28.49 -30.26 28.12
CA VAL A 54 -27.39 -30.19 29.07
C VAL A 54 -26.07 -30.28 28.25
N LYS A 55 -26.12 -30.98 27.08
CA LYS A 55 -25.05 -31.15 26.09
C LYS A 55 -24.60 -29.80 25.57
N VAL A 56 -25.53 -28.85 25.44
CA VAL A 56 -25.25 -27.48 25.02
C VAL A 56 -24.42 -26.80 26.11
N TRP A 57 -24.88 -26.89 27.40
CA TRP A 57 -24.24 -26.30 28.58
C TRP A 57 -22.81 -26.78 28.70
N TYR A 58 -22.64 -28.10 28.67
CA TYR A 58 -21.35 -28.71 28.86
C TYR A 58 -20.39 -28.40 27.75
N GLU A 59 -20.83 -28.48 26.48
CA GLU A 59 -20.02 -28.21 25.30
C GLU A 59 -19.55 -26.77 25.24
N ARG A 60 -20.48 -25.82 25.42
CA ARG A 60 -20.18 -24.38 25.39
C ARG A 60 -19.28 -23.95 26.55
N SER A 61 -19.51 -24.55 27.73
CA SER A 61 -18.74 -24.25 28.92
C SER A 61 -17.35 -24.88 28.86
N LEU A 62 -17.19 -25.99 28.11
CA LEU A 62 -15.91 -26.64 27.91
C LEU A 62 -15.05 -25.83 26.94
N VAL A 63 -15.69 -25.23 25.91
CA VAL A 63 -15.00 -24.36 24.95
C VAL A 63 -14.46 -23.12 25.67
N LEU A 64 -15.31 -22.47 26.47
CA LEU A 64 -14.96 -21.28 27.23
C LEU A 64 -13.76 -21.48 28.18
N GLN A 65 -13.78 -22.58 28.95
CA GLN A 65 -12.75 -22.96 29.89
C GLN A 65 -11.40 -23.10 29.17
N LYS A 66 -11.35 -23.87 28.05
CA LYS A 66 -10.12 -24.06 27.28
C LYS A 66 -9.56 -22.74 26.78
N GLU A 67 -10.44 -21.83 26.28
CA GLU A 67 -10.04 -20.53 25.79
C GLU A 67 -9.57 -19.61 26.90
N ALA A 68 -10.25 -19.63 28.05
CA ALA A 68 -9.89 -18.82 29.22
C ALA A 68 -8.55 -19.30 29.79
N ASP A 69 -8.37 -20.63 29.91
CA ASP A 69 -7.15 -21.25 30.41
C ASP A 69 -5.95 -20.98 29.53
N SER A 70 -6.12 -21.05 28.19
CA SER A 70 -5.06 -20.78 27.21
C SER A 70 -4.58 -19.35 27.32
N LEU A 71 -5.52 -18.41 27.40
CA LEU A 71 -5.24 -16.99 27.51
C LEU A 71 -4.49 -16.69 28.80
N CYS A 72 -4.95 -17.25 29.93
CA CYS A 72 -4.30 -17.05 31.22
C CYS A 72 -2.91 -17.66 31.25
N THR A 73 -2.71 -18.84 30.64
CA THR A 73 -1.40 -19.49 30.53
C THR A 73 -0.43 -18.63 29.72
N PHE A 74 -0.89 -18.07 28.59
CA PHE A 74 -0.13 -17.16 27.74
C PHE A 74 0.29 -15.93 28.56
N ILE A 75 -0.66 -15.32 29.30
CA ILE A 75 -0.38 -14.14 30.15
C ILE A 75 0.65 -14.48 31.23
N ASP A 76 0.58 -15.71 31.81
CA ASP A 76 1.53 -16.18 32.82
C ASP A 76 2.93 -16.26 32.20
N ASP A 77 3.01 -16.69 30.91
CA ASP A 77 4.28 -16.77 30.18
C ASP A 77 4.86 -15.39 29.90
N LEU A 78 3.99 -14.42 29.56
CA LEU A 78 4.38 -13.02 29.32
C LEU A 78 4.95 -12.37 30.56
N LYS A 79 4.32 -12.62 31.72
CA LYS A 79 4.77 -12.12 33.04
C LYS A 79 6.16 -12.67 33.35
N LEU A 80 6.35 -14.00 33.14
CA LEU A 80 7.61 -14.68 33.37
C LEU A 80 8.69 -14.20 32.42
N ALA A 81 8.35 -13.96 31.13
CA ALA A 81 9.30 -13.49 30.13
C ALA A 81 9.78 -12.07 30.45
N ILE A 82 8.86 -11.20 30.94
CA ILE A 82 9.19 -9.84 31.32
C ILE A 82 10.12 -9.89 32.53
N ALA A 83 9.78 -10.69 33.56
CA ALA A 83 10.58 -10.88 34.79
C ALA A 83 12.00 -11.39 34.46
N ARG A 84 12.10 -12.42 33.57
CA ARG A 84 13.38 -13.01 33.11
C ARG A 84 14.24 -12.07 32.27
N GLU A 85 13.60 -11.21 31.45
CA GLU A 85 14.30 -10.25 30.60
C GLU A 85 14.85 -9.17 31.48
N SER A 86 14.04 -8.74 32.47
CA SER A 86 14.37 -7.72 33.45
C SER A 86 15.52 -8.12 34.35
N ASP A 87 15.48 -9.34 34.92
CA ASP A 87 16.47 -9.79 35.89
C ASP A 87 17.44 -10.83 35.35
N GLY A 88 16.97 -12.07 35.29
CA GLY A 88 17.75 -13.22 34.84
C GLY A 88 16.92 -14.46 34.74
N LYS A 89 17.52 -15.56 34.28
CA LYS A 89 16.81 -16.83 34.11
C LYS A 89 16.17 -17.37 35.41
N ASP A 90 16.82 -17.09 36.55
CA ASP A 90 16.37 -17.46 37.90
C ASP A 90 15.32 -16.44 38.50
N ALA A 91 14.85 -15.44 37.69
CA ALA A 91 13.87 -14.39 38.06
C ALA A 91 12.58 -15.02 38.56
N LYS A 92 12.04 -14.48 39.67
CA LYS A 92 10.78 -14.94 40.23
C LYS A 92 9.75 -13.91 39.80
N VAL A 93 8.61 -14.35 39.23
CA VAL A 93 7.54 -13.48 38.76
C VAL A 93 6.95 -12.64 39.90
N ASN A 94 6.72 -13.29 41.08
CA ASN A 94 6.08 -12.79 42.30
C ASN A 94 6.58 -11.42 42.81
N ASP A 95 5.86 -10.86 43.79
CA ASP A 95 6.15 -9.56 44.40
C ASP A 95 7.54 -9.40 45.08
N ILE A 96 7.92 -8.12 45.34
CA ILE A 96 9.14 -7.61 46.00
C ILE A 96 10.43 -7.95 45.15
N ARG A 97 10.25 -8.00 43.80
CA ARG A 97 11.30 -8.30 42.80
C ARG A 97 12.25 -7.16 42.46
N ARG A 98 13.53 -7.51 42.30
CA ARG A 98 14.64 -6.61 42.01
C ARG A 98 14.68 -6.10 40.59
N LYS A 99 15.54 -5.11 40.37
CA LYS A 99 15.92 -4.49 39.11
C LYS A 99 14.76 -4.07 38.18
N ASP A 100 13.95 -3.07 38.61
CA ASP A 100 12.86 -2.55 37.80
C ASP A 100 13.50 -1.90 36.54
N ASN A 101 13.00 -2.25 35.35
CA ASN A 101 13.55 -1.77 34.08
C ASN A 101 12.46 -1.34 33.11
N LEU A 102 12.72 -0.28 32.36
CA LEU A 102 11.73 0.21 31.39
C LEU A 102 11.79 -0.61 30.08
N ASP A 103 12.96 -1.21 29.80
CA ASP A 103 13.22 -1.98 28.58
C ASP A 103 12.62 -3.41 28.50
N ALA A 104 12.48 -4.13 29.62
CA ALA A 104 12.00 -5.52 29.62
C ALA A 104 10.65 -5.73 28.96
N SER A 105 9.65 -4.93 29.34
CA SER A 105 8.31 -5.02 28.75
C SER A 105 8.35 -4.69 27.25
N SER A 106 9.10 -3.63 26.85
CA SER A 106 9.22 -3.22 25.47
C SER A 106 9.90 -4.31 24.64
N VAL A 107 10.95 -4.96 25.19
CA VAL A 107 11.67 -6.06 24.51
C VAL A 107 10.72 -7.24 24.28
N VAL A 108 10.08 -7.74 25.35
CA VAL A 108 9.18 -8.89 25.32
C VAL A 108 7.93 -8.64 24.44
N MET A 109 7.31 -7.46 24.55
CA MET A 109 6.08 -7.15 23.81
C MET A 109 6.22 -6.53 22.43
N LEU A 110 7.22 -5.69 22.23
CA LEU A 110 7.34 -4.90 21.00
C LEU A 110 8.56 -5.15 20.10
N ASN A 111 9.39 -6.13 20.42
CA ASN A 111 10.54 -6.52 19.59
C ASN A 111 10.05 -6.82 18.14
N PRO A 112 10.75 -6.34 17.08
CA PRO A 112 10.24 -6.52 15.71
C PRO A 112 10.24 -7.95 15.18
N ILE A 113 11.15 -8.79 15.68
CA ILE A 113 11.27 -10.17 15.24
C ILE A 113 10.37 -11.16 16.02
N ASN A 114 10.42 -11.10 17.37
CA ASN A 114 9.75 -12.02 18.32
C ASN A 114 8.72 -11.37 19.31
N GLY A 115 8.34 -10.09 19.14
CA GLY A 115 7.39 -9.40 20.03
C GLY A 115 6.03 -10.06 20.16
N LYS A 116 5.53 -10.14 21.41
CA LYS A 116 4.30 -10.84 21.74
C LYS A 116 3.06 -9.97 21.90
N GLY A 117 3.23 -8.65 21.81
CA GLY A 117 2.15 -7.70 21.95
C GLY A 117 0.98 -7.91 21.02
N SER A 118 1.22 -7.99 19.72
CA SER A 118 0.17 -8.18 18.70
C SER A 118 -0.54 -9.53 18.86
N THR A 119 0.21 -10.55 19.30
CA THR A 119 -0.29 -11.89 19.56
C THR A 119 -1.26 -11.84 20.74
N LEU A 120 -0.86 -11.12 21.82
CA LEU A 120 -1.67 -10.92 23.01
C LEU A 120 -2.98 -10.21 22.63
N ARG A 121 -2.89 -9.16 21.81
CA ARG A 121 -4.03 -8.37 21.37
C ARG A 121 -5.06 -9.26 20.68
N LYS A 122 -4.62 -10.06 19.71
CA LYS A 122 -5.47 -10.95 18.92
C LYS A 122 -6.09 -12.04 19.79
N GLU A 123 -5.37 -12.49 20.82
CA GLU A 123 -5.86 -13.53 21.74
C GLU A 123 -6.95 -13.00 22.66
N VAL A 124 -6.83 -11.75 23.13
CA VAL A 124 -7.83 -11.09 23.96
C VAL A 124 -9.06 -10.83 23.09
N ASP A 125 -8.85 -10.35 21.84
CA ASP A 125 -9.93 -10.11 20.87
C ASP A 125 -10.75 -11.37 20.66
N LYS A 126 -10.06 -12.52 20.40
CA LYS A 126 -10.68 -13.83 20.17
C LYS A 126 -11.52 -14.19 21.38
N PHE A 127 -10.95 -14.04 22.58
CA PHE A 127 -11.64 -14.38 23.81
C PHE A 127 -12.89 -13.51 24.02
N ARG A 128 -12.76 -12.20 23.83
CA ARG A 128 -13.85 -11.23 23.97
C ARG A 128 -14.99 -11.53 22.99
N GLU A 129 -14.64 -11.90 21.73
CA GLU A 129 -15.58 -12.26 20.68
C GLU A 129 -16.31 -13.57 21.04
N LEU A 130 -15.61 -14.53 21.66
CA LEU A 130 -16.19 -15.79 22.13
C LEU A 130 -17.21 -15.51 23.24
N VAL A 131 -16.83 -14.64 24.20
CA VAL A 131 -17.66 -14.20 25.32
C VAL A 131 -18.96 -13.60 24.78
N ALA A 132 -18.87 -12.80 23.70
CA ALA A 132 -20.02 -12.17 23.04
C ALA A 132 -20.99 -13.19 22.41
N THR A 133 -20.47 -14.28 21.81
CA THR A 133 -21.34 -15.31 21.19
C THR A 133 -22.00 -16.22 22.23
N LEU A 134 -21.38 -16.35 23.38
CA LEU A 134 -21.88 -17.22 24.44
C LEU A 134 -22.80 -16.54 25.42
N MET A 135 -22.67 -15.22 25.55
CA MET A 135 -23.51 -14.45 26.47
C MET A 135 -24.98 -14.48 26.03
N THR A 136 -25.86 -14.09 26.93
CA THR A 136 -27.29 -14.07 26.64
C THR A 136 -27.68 -12.80 25.90
N ASP A 137 -28.42 -11.93 26.58
CA ASP A 137 -28.86 -10.67 26.01
C ASP A 137 -28.70 -9.52 26.99
N LYS A 138 -27.67 -9.67 27.80
CA LYS A 138 -27.32 -8.69 28.79
C LYS A 138 -26.26 -7.84 28.17
N ALA A 139 -26.69 -6.84 27.40
CA ALA A 139 -25.77 -5.90 26.77
C ALA A 139 -25.01 -5.27 27.92
N LYS A 140 -25.75 -4.75 28.89
CA LYS A 140 -25.18 -4.17 30.09
C LYS A 140 -24.19 -5.14 30.74
N LEU A 141 -24.28 -6.47 30.51
CA LEU A 141 -23.25 -7.26 31.20
C LEU A 141 -22.05 -7.46 30.28
N LYS A 142 -22.34 -7.73 28.99
CA LYS A 142 -21.35 -7.89 27.92
C LYS A 142 -20.57 -6.60 27.77
N LEU A 143 -21.28 -5.44 27.82
CA LEU A 143 -20.72 -4.09 27.74
C LEU A 143 -19.70 -3.88 28.87
N ILE A 144 -19.92 -4.54 30.03
CA ILE A 144 -18.99 -4.45 31.16
C ILE A 144 -17.70 -5.22 30.86
N GLU A 145 -17.81 -6.48 30.38
CA GLU A 145 -16.68 -7.35 30.01
C GLU A 145 -15.91 -6.88 28.77
N GLN A 146 -16.63 -6.33 27.77
CA GLN A 146 -16.01 -5.79 26.55
C GLN A 146 -15.16 -4.59 26.93
N ALA A 147 -15.58 -3.82 27.96
CA ALA A 147 -14.84 -2.66 28.47
C ALA A 147 -13.58 -3.13 29.21
N LEU A 148 -13.66 -4.26 29.95
CA LEU A 148 -12.53 -4.85 30.67
C LEU A 148 -11.47 -5.39 29.70
N ASN A 149 -11.97 -5.98 28.58
CA ASN A 149 -11.16 -6.56 27.52
C ASN A 149 -11.01 -5.62 26.31
N THR A 150 -10.95 -4.26 26.49
CA THR A 150 -10.77 -3.34 25.34
C THR A 150 -9.38 -3.49 24.74
N GLU A 151 -9.31 -3.34 23.41
CA GLU A 151 -8.05 -3.39 22.67
C GLU A 151 -7.67 -2.06 22.06
N SER A 152 -8.28 -0.96 22.56
CA SER A 152 -8.02 0.37 22.04
C SER A 152 -6.78 1.05 22.64
N GLY A 153 -5.95 1.62 21.77
CA GLY A 153 -4.73 2.33 22.15
C GLY A 153 -4.97 3.81 22.35
N THR A 154 -3.99 4.64 21.93
CA THR A 154 -4.02 6.12 21.98
C THR A 154 -3.39 6.74 20.72
N LYS A 155 -4.23 7.46 19.92
CA LYS A 155 -3.90 8.15 18.67
C LYS A 155 -3.39 7.16 17.59
N GLY A 156 -2.32 7.52 16.86
CA GLY A 156 -1.74 6.70 15.81
C GLY A 156 -0.81 5.58 16.27
N LYS A 157 -1.15 4.92 17.39
CA LYS A 157 -0.36 3.83 17.97
C LYS A 157 -1.21 2.63 18.33
N SER A 158 -0.58 1.44 18.32
CA SER A 158 -1.25 0.17 18.59
C SER A 158 -1.46 -0.01 20.08
N TRP A 159 -2.47 -0.81 20.47
CA TRP A 159 -2.82 -1.09 21.85
C TRP A 159 -1.60 -1.54 22.65
N GLU A 160 -0.79 -2.44 22.05
CA GLU A 160 0.43 -3.02 22.61
C GLU A 160 1.48 -1.94 22.83
N SER A 161 1.64 -1.01 21.86
CA SER A 161 2.60 0.09 21.93
C SER A 161 2.22 1.04 23.07
N SER A 162 0.96 1.53 23.11
CA SER A 162 0.47 2.42 24.19
C SER A 162 0.68 1.84 25.60
N LEU A 163 0.38 0.55 25.78
CA LEU A 163 0.49 -0.14 27.07
C LEU A 163 1.90 -0.54 27.49
N PHE A 164 2.78 -0.92 26.56
CA PHE A 164 4.10 -1.43 26.96
C PHE A 164 5.29 -0.58 26.49
N GLU A 165 5.01 0.55 25.81
CA GLU A 165 6.06 1.49 25.42
C GLU A 165 6.49 2.24 26.68
N ASN A 166 7.78 2.10 27.01
CA ASN A 166 8.45 2.74 28.14
C ASN A 166 7.69 2.53 29.45
N MET A 167 7.38 1.26 29.77
CA MET A 167 6.65 0.93 30.98
C MET A 167 7.46 0.09 31.97
N PRO A 168 7.43 0.42 33.31
CA PRO A 168 8.23 -0.33 34.29
C PRO A 168 7.82 -1.79 34.38
N THR A 169 8.77 -2.69 34.64
CA THR A 169 8.53 -4.13 34.72
C THR A 169 7.42 -4.47 35.71
N VAL A 170 7.46 -3.87 36.93
CA VAL A 170 6.46 -4.08 37.97
C VAL A 170 5.06 -3.66 37.48
N ALA A 171 4.94 -2.49 36.82
CA ALA A 171 3.70 -1.97 36.28
C ALA A 171 3.15 -2.86 35.17
N ALA A 172 4.05 -3.38 34.30
CA ALA A 172 3.71 -4.28 33.19
C ALA A 172 3.15 -5.59 33.70
N ILE A 173 3.76 -6.19 34.77
CA ILE A 173 3.32 -7.44 35.38
C ILE A 173 1.97 -7.26 36.08
N THR A 174 1.77 -6.13 36.79
CA THR A 174 0.49 -5.87 37.47
C THR A 174 -0.63 -5.68 36.44
N LEU A 175 -0.34 -4.99 35.32
CA LEU A 175 -1.27 -4.78 34.20
C LEU A 175 -1.69 -6.12 33.61
N LEU A 176 -0.71 -7.06 33.49
CA LEU A 176 -0.95 -8.39 32.95
C LEU A 176 -1.78 -9.23 33.91
N THR A 177 -1.52 -9.10 35.24
CA THR A 177 -2.27 -9.78 36.32
C THR A 177 -3.73 -9.34 36.32
N LYS A 178 -3.98 -8.01 36.12
CA LYS A 178 -5.31 -7.38 36.03
C LYS A 178 -6.05 -7.99 34.83
N LEU A 179 -5.37 -8.10 33.66
CA LEU A 179 -5.94 -8.70 32.46
C LEU A 179 -6.38 -10.14 32.73
N GLN A 180 -5.58 -10.97 33.47
CA GLN A 180 -5.93 -12.36 33.80
C GLN A 180 -7.16 -12.43 34.69
N SER A 181 -7.23 -11.53 35.71
CA SER A 181 -8.36 -11.48 36.63
C SER A 181 -9.65 -11.04 35.92
N ASP A 182 -9.55 -10.19 34.87
CA ASP A 182 -10.68 -9.75 34.04
C ASP A 182 -11.16 -10.90 33.15
N VAL A 183 -10.24 -11.77 32.71
CA VAL A 183 -10.54 -12.95 31.89
C VAL A 183 -11.32 -13.95 32.77
N ARG A 184 -10.86 -14.13 34.03
CA ARG A 184 -11.47 -15.03 35.00
C ARG A 184 -12.84 -14.56 35.45
N TYR A 185 -13.03 -13.23 35.58
CA TYR A 185 -14.31 -12.62 35.93
C TYR A 185 -15.29 -12.89 34.79
N ALA A 186 -14.85 -12.59 33.54
CA ALA A 186 -15.62 -12.81 32.31
C ALA A 186 -16.07 -14.27 32.19
N GLN A 187 -15.14 -15.21 32.49
CA GLN A 187 -15.38 -16.65 32.47
C GLN A 187 -16.51 -17.04 33.42
N GLY A 188 -16.45 -16.55 34.66
CA GLY A 188 -17.45 -16.83 35.69
C GLY A 188 -18.83 -16.31 35.35
N GLU A 189 -18.90 -15.10 34.78
CA GLU A 189 -20.15 -14.47 34.36
C GLU A 189 -20.79 -15.25 33.18
N VAL A 190 -19.98 -15.68 32.20
CA VAL A 190 -20.46 -16.46 31.06
C VAL A 190 -20.98 -17.81 31.57
N LEU A 191 -20.22 -18.50 32.44
CA LEU A 191 -20.62 -19.79 33.02
C LEU A 191 -21.98 -19.69 33.69
N ALA A 192 -22.22 -18.62 34.48
CA ALA A 192 -23.50 -18.40 35.16
C ALA A 192 -24.63 -18.24 34.16
N ASP A 193 -24.36 -17.51 33.05
CA ASP A 193 -25.29 -17.26 31.98
C ASP A 193 -25.62 -18.53 31.20
N LEU A 194 -24.63 -19.42 31.00
CA LEU A 194 -24.81 -20.69 30.29
C LEU A 194 -25.76 -21.67 31.00
N VAL A 195 -25.82 -21.62 32.35
CA VAL A 195 -26.67 -22.46 33.19
C VAL A 195 -28.13 -21.97 33.08
N LYS A 196 -28.32 -20.70 32.59
CA LYS A 196 -29.56 -19.96 32.23
C LYS A 196 -30.14 -19.18 33.39
N THR B 49 -28.58 9.15 -24.73
CA THR B 49 -27.32 8.42 -24.79
C THR B 49 -26.14 9.22 -24.18
N ASN B 50 -26.43 10.43 -23.63
CA ASN B 50 -25.44 11.30 -22.99
C ASN B 50 -24.69 10.59 -21.85
N PRO B 51 -23.34 10.71 -21.79
CA PRO B 51 -22.57 9.97 -20.76
C PRO B 51 -22.25 10.73 -19.47
N GLU B 52 -23.14 10.64 -18.46
CA GLU B 52 -22.94 11.31 -17.17
C GLU B 52 -23.49 10.46 -16.02
N LYS B 53 -24.80 10.18 -16.08
CA LYS B 53 -25.60 9.37 -15.16
C LYS B 53 -25.22 7.89 -15.30
N VAL B 54 -24.67 7.50 -16.49
CA VAL B 54 -24.24 6.16 -16.88
C VAL B 54 -23.16 5.65 -15.92
N LYS B 55 -22.23 6.54 -15.50
CA LYS B 55 -21.13 6.23 -14.56
C LYS B 55 -21.71 5.70 -13.26
N VAL B 56 -22.83 6.30 -12.83
CA VAL B 56 -23.56 5.91 -11.64
C VAL B 56 -24.15 4.50 -11.85
N TRP B 57 -24.77 4.22 -13.03
CA TRP B 57 -25.30 2.87 -13.23
C TRP B 57 -24.18 1.83 -13.26
N TYR B 58 -23.08 2.06 -14.03
CA TYR B 58 -21.93 1.15 -14.09
C TYR B 58 -21.30 0.88 -12.73
N GLU B 59 -21.09 1.95 -11.92
CA GLU B 59 -20.55 1.84 -10.56
C GLU B 59 -21.49 1.02 -9.67
N ARG B 60 -22.79 1.33 -9.67
CA ARG B 60 -23.84 0.63 -8.90
C ARG B 60 -23.94 -0.84 -9.30
N SER B 61 -23.87 -1.13 -10.59
CA SER B 61 -23.97 -2.49 -11.10
C SER B 61 -22.73 -3.29 -10.84
N LEU B 62 -21.57 -2.61 -10.75
CA LEU B 62 -20.30 -3.25 -10.44
C LEU B 62 -20.25 -3.63 -8.96
N VAL B 63 -20.79 -2.77 -8.10
CA VAL B 63 -20.88 -3.02 -6.66
C VAL B 63 -21.79 -4.25 -6.42
N LEU B 64 -22.97 -4.28 -7.05
CA LEU B 64 -23.92 -5.38 -6.93
C LEU B 64 -23.34 -6.74 -7.30
N GLN B 65 -22.68 -6.82 -8.48
CA GLN B 65 -22.04 -8.03 -9.00
C GLN B 65 -21.01 -8.58 -7.99
N LYS B 66 -20.11 -7.71 -7.49
CA LYS B 66 -19.08 -8.08 -6.50
C LYS B 66 -19.72 -8.64 -5.23
N GLU B 67 -20.78 -7.99 -4.74
CA GLU B 67 -21.49 -8.43 -3.54
C GLU B 67 -22.21 -9.73 -3.75
N ALA B 68 -22.84 -9.94 -4.92
CA ALA B 68 -23.56 -11.15 -5.27
C ALA B 68 -22.58 -12.31 -5.45
N ASP B 69 -21.47 -12.06 -6.13
CA ASP B 69 -20.43 -13.07 -6.36
C ASP B 69 -19.74 -13.51 -5.07
N SER B 70 -19.47 -12.56 -4.15
CA SER B 70 -18.86 -12.87 -2.86
C SER B 70 -19.78 -13.73 -2.01
N LEU B 71 -21.05 -13.40 -1.98
CA LEU B 71 -22.05 -14.12 -1.22
C LEU B 71 -22.22 -15.52 -1.76
N CYS B 72 -22.30 -15.68 -3.08
CA CYS B 72 -22.41 -16.99 -3.69
C CYS B 72 -21.17 -17.85 -3.49
N THR B 73 -19.98 -17.26 -3.54
CA THR B 73 -18.70 -17.95 -3.27
C THR B 73 -18.66 -18.44 -1.81
N PHE B 74 -19.09 -17.57 -0.85
CA PHE B 74 -19.19 -17.92 0.56
C PHE B 74 -20.13 -19.10 0.74
N ILE B 75 -21.32 -19.07 0.10
CA ILE B 75 -22.32 -20.14 0.16
C ILE B 75 -21.76 -21.45 -0.41
N ASP B 76 -20.97 -21.36 -1.51
CA ASP B 76 -20.30 -22.52 -2.11
C ASP B 76 -19.30 -23.13 -1.12
N ASP B 77 -18.60 -22.28 -0.33
CA ASP B 77 -17.66 -22.73 0.71
C ASP B 77 -18.38 -23.41 1.85
N LEU B 78 -19.55 -22.87 2.26
CA LEU B 78 -20.39 -23.44 3.32
C LEU B 78 -20.92 -24.83 2.94
N LYS B 79 -21.33 -24.99 1.68
CA LYS B 79 -21.80 -26.26 1.13
C LYS B 79 -20.67 -27.29 1.19
N LEU B 80 -19.47 -26.89 0.75
CA LEU B 80 -18.28 -27.74 0.77
C LEU B 80 -17.82 -28.08 2.18
N ALA B 81 -17.91 -27.13 3.12
CA ALA B 81 -17.55 -27.38 4.52
C ALA B 81 -18.46 -28.36 5.20
N ILE B 82 -19.78 -28.30 4.92
CA ILE B 82 -20.77 -29.21 5.48
C ILE B 82 -20.53 -30.61 4.89
N ALA B 83 -20.32 -30.67 3.58
CA ALA B 83 -20.06 -31.93 2.90
C ALA B 83 -18.77 -32.62 3.46
N ARG B 84 -17.69 -31.84 3.64
CA ARG B 84 -16.41 -32.30 4.15
C ARG B 84 -16.45 -32.70 5.64
N GLU B 85 -17.26 -32.00 6.45
CA GLU B 85 -17.44 -32.29 7.87
C GLU B 85 -18.13 -33.67 7.97
N SER B 86 -19.01 -34.00 7.00
CA SER B 86 -19.70 -35.29 6.92
C SER B 86 -18.90 -36.43 6.32
N ASP B 87 -18.28 -36.21 5.15
CA ASP B 87 -17.65 -37.32 4.43
C ASP B 87 -16.13 -37.26 4.25
N GLY B 88 -15.49 -36.33 4.93
CA GLY B 88 -14.04 -36.20 4.85
C GLY B 88 -13.60 -35.30 3.72
N LYS B 89 -12.28 -35.21 3.48
CA LYS B 89 -11.65 -34.35 2.47
C LYS B 89 -12.16 -34.60 1.03
N ASP B 90 -12.49 -35.86 0.68
CA ASP B 90 -12.92 -36.27 -0.66
C ASP B 90 -14.38 -36.10 -0.96
N ALA B 91 -15.07 -35.46 -0.05
CA ALA B 91 -16.49 -35.27 -0.16
C ALA B 91 -16.90 -34.45 -1.35
N LYS B 92 -18.06 -34.84 -1.90
CA LYS B 92 -18.70 -34.23 -3.05
C LYS B 92 -20.05 -33.66 -2.62
N VAL B 93 -20.20 -32.33 -2.77
CA VAL B 93 -21.36 -31.52 -2.37
C VAL B 93 -22.71 -32.09 -2.85
N ASN B 94 -22.75 -32.56 -4.11
CA ASN B 94 -23.97 -33.08 -4.70
C ASN B 94 -23.78 -34.47 -5.25
N ASP B 95 -22.55 -34.76 -5.73
CA ASP B 95 -22.18 -36.04 -6.35
C ASP B 95 -22.48 -37.23 -5.43
N ILE B 96 -21.86 -37.28 -4.24
CA ILE B 96 -22.16 -38.42 -3.37
C ILE B 96 -22.68 -37.96 -2.00
N ARG B 97 -23.85 -38.50 -1.63
CA ARG B 97 -24.56 -38.29 -0.36
C ARG B 97 -23.69 -38.83 0.78
N ARG B 98 -23.15 -40.06 0.58
CA ARG B 98 -22.31 -40.86 1.47
C ARG B 98 -22.96 -41.13 2.83
N LYS B 99 -22.29 -40.76 3.93
CA LYS B 99 -22.80 -40.95 5.29
C LYS B 99 -23.37 -39.65 5.86
N ASP B 100 -24.70 -39.62 6.03
CA ASP B 100 -25.49 -38.48 6.49
C ASP B 100 -25.52 -38.24 8.03
N ASN B 101 -24.35 -37.97 8.67
CA ASN B 101 -24.36 -37.66 10.11
C ASN B 101 -25.14 -36.33 10.29
N LEU B 102 -25.96 -36.25 11.33
CA LEU B 102 -26.85 -35.12 11.59
C LEU B 102 -26.20 -33.78 11.98
N ASP B 103 -25.06 -33.84 12.68
CA ASP B 103 -24.36 -32.68 13.24
C ASP B 103 -23.52 -31.80 12.28
N ALA B 104 -23.09 -32.30 11.11
CA ALA B 104 -22.22 -31.55 10.18
C ALA B 104 -22.66 -30.12 9.91
N SER B 105 -23.99 -29.88 9.75
CA SER B 105 -24.53 -28.53 9.53
C SER B 105 -24.44 -27.72 10.83
N SER B 106 -24.75 -28.33 11.99
CA SER B 106 -24.64 -27.70 13.33
C SER B 106 -23.20 -27.35 13.64
N VAL B 107 -22.24 -28.25 13.32
CA VAL B 107 -20.80 -28.05 13.52
C VAL B 107 -20.34 -26.85 12.69
N VAL B 108 -20.51 -26.89 11.38
CA VAL B 108 -20.08 -25.81 10.46
C VAL B 108 -20.76 -24.45 10.73
N MET B 109 -22.08 -24.44 10.97
CA MET B 109 -22.82 -23.19 11.15
C MET B 109 -22.91 -22.63 12.58
N LEU B 110 -22.98 -23.50 13.59
CA LEU B 110 -23.28 -23.06 14.95
C LEU B 110 -22.16 -23.28 15.99
N ASN B 111 -20.95 -23.62 15.54
CA ASN B 111 -19.74 -23.81 16.35
C ASN B 111 -19.48 -22.54 17.17
N PRO B 112 -19.21 -22.63 18.50
CA PRO B 112 -18.90 -21.40 19.26
C PRO B 112 -17.58 -20.70 18.89
N ILE B 113 -16.61 -21.46 18.34
CA ILE B 113 -15.29 -20.94 17.95
C ILE B 113 -15.30 -20.27 16.59
N ASN B 114 -15.89 -20.95 15.59
CA ASN B 114 -15.93 -20.51 14.20
C ASN B 114 -17.26 -20.87 13.54
N GLY B 115 -18.36 -20.43 14.14
CA GLY B 115 -19.69 -20.63 13.59
C GLY B 115 -19.87 -19.72 12.39
N LYS B 116 -20.23 -20.32 11.26
CA LYS B 116 -20.38 -19.47 10.09
C LYS B 116 -21.79 -18.95 9.88
N GLY B 117 -22.74 -19.44 10.67
CA GLY B 117 -24.14 -19.06 10.56
C GLY B 117 -24.42 -17.57 10.71
N SER B 118 -23.89 -16.95 11.79
CA SER B 118 -24.06 -15.52 12.08
C SER B 118 -23.41 -14.65 11.00
N THR B 119 -22.30 -15.14 10.42
CA THR B 119 -21.56 -14.47 9.37
C THR B 119 -22.43 -14.49 8.10
N LEU B 120 -23.04 -15.65 7.80
CA LEU B 120 -23.96 -15.85 6.69
C LEU B 120 -25.19 -14.95 6.80
N ARG B 121 -25.69 -14.77 8.00
CA ARG B 121 -26.87 -13.95 8.24
C ARG B 121 -26.56 -12.50 7.90
N LYS B 122 -25.45 -11.97 8.44
CA LYS B 122 -25.03 -10.59 8.25
C LYS B 122 -24.69 -10.29 6.79
N GLU B 123 -24.15 -11.29 6.08
CA GLU B 123 -23.80 -11.15 4.65
C GLU B 123 -25.04 -11.08 3.75
N VAL B 124 -26.08 -11.89 4.05
CA VAL B 124 -27.36 -11.88 3.35
C VAL B 124 -28.04 -10.54 3.66
N ASP B 125 -27.99 -10.10 4.95
CA ASP B 125 -28.52 -8.80 5.41
C ASP B 125 -27.94 -7.67 4.58
N LYS B 126 -26.61 -7.61 4.48
CA LYS B 126 -25.85 -6.60 3.74
C LYS B 126 -26.30 -6.59 2.29
N PHE B 127 -26.38 -7.77 1.69
CA PHE B 127 -26.79 -7.91 0.30
C PHE B 127 -28.23 -7.42 0.08
N ARG B 128 -29.16 -7.83 0.95
CA ARG B 128 -30.57 -7.45 0.88
C ARG B 128 -30.73 -5.94 1.02
N GLU B 129 -29.95 -5.32 1.92
CA GLU B 129 -29.97 -3.87 2.18
C GLU B 129 -29.45 -3.13 0.95
N LEU B 130 -28.42 -3.69 0.27
CA LEU B 130 -27.85 -3.11 -0.94
C LEU B 130 -28.88 -3.16 -2.06
N VAL B 131 -29.57 -4.31 -2.21
CA VAL B 131 -30.65 -4.55 -3.18
C VAL B 131 -31.75 -3.51 -2.99
N ALA B 132 -32.08 -3.17 -1.72
CA ALA B 132 -33.09 -2.18 -1.38
C ALA B 132 -32.72 -0.77 -1.81
N THR B 133 -31.43 -0.38 -1.67
CA THR B 133 -30.97 0.95 -2.07
C THR B 133 -30.86 1.11 -3.60
N LEU B 134 -30.48 0.03 -4.29
CA LEU B 134 -30.29 0.00 -5.75
C LEU B 134 -31.57 -0.17 -6.55
N MET B 135 -32.49 -1.02 -6.04
CA MET B 135 -33.78 -1.39 -6.64
C MET B 135 -34.82 -0.34 -6.27
N THR B 136 -34.72 0.80 -6.98
CA THR B 136 -35.64 1.93 -6.81
C THR B 136 -36.98 1.63 -7.50
N ASP B 137 -36.90 1.08 -8.73
CA ASP B 137 -38.09 0.77 -9.53
C ASP B 137 -38.75 -0.54 -9.13
N LYS B 138 -40.05 -0.67 -9.46
CA LYS B 138 -40.92 -1.82 -9.15
C LYS B 138 -40.72 -2.20 -7.68
N ALA B 139 -41.00 -1.24 -6.77
CA ALA B 139 -40.85 -1.43 -5.34
C ALA B 139 -41.53 -2.70 -4.83
N LYS B 140 -42.52 -3.20 -5.58
CA LYS B 140 -43.24 -4.44 -5.26
C LYS B 140 -42.33 -5.65 -5.48
N LEU B 141 -41.49 -5.61 -6.54
CA LEU B 141 -40.50 -6.65 -6.84
C LEU B 141 -39.42 -6.66 -5.74
N LYS B 142 -39.05 -5.47 -5.24
CA LYS B 142 -38.09 -5.33 -4.14
C LYS B 142 -38.62 -6.03 -2.89
N LEU B 143 -39.94 -5.94 -2.67
CA LEU B 143 -40.63 -6.59 -1.54
C LEU B 143 -40.56 -8.11 -1.64
N ILE B 144 -40.64 -8.64 -2.88
CA ILE B 144 -40.57 -10.08 -3.16
C ILE B 144 -39.15 -10.57 -2.82
N GLU B 145 -38.11 -9.76 -3.16
CA GLU B 145 -36.69 -10.03 -2.88
C GLU B 145 -36.40 -10.15 -1.42
N GLN B 146 -36.91 -9.20 -0.63
CA GLN B 146 -36.73 -9.13 0.82
C GLN B 146 -37.32 -10.34 1.49
N ALA B 147 -38.40 -10.89 0.90
CA ALA B 147 -39.02 -12.12 1.42
C ALA B 147 -38.16 -13.35 1.11
N LEU B 148 -37.50 -13.38 -0.06
CA LEU B 148 -36.59 -14.47 -0.44
C LEU B 148 -35.32 -14.46 0.44
N ASN B 149 -34.85 -13.26 0.85
CA ASN B 149 -33.67 -13.06 1.67
C ASN B 149 -34.18 -12.69 3.08
N THR B 150 -35.10 -13.52 3.61
CA THR B 150 -35.87 -13.29 4.84
C THR B 150 -35.10 -12.82 6.10
N GLU B 151 -34.14 -13.60 6.66
CA GLU B 151 -33.42 -13.27 7.90
C GLU B 151 -34.33 -13.23 9.17
N SER B 152 -35.28 -14.17 9.27
CA SER B 152 -36.13 -14.25 10.47
C SER B 152 -36.36 -15.69 10.88
N GLY B 153 -36.04 -15.98 12.14
CA GLY B 153 -36.16 -17.32 12.69
C GLY B 153 -37.41 -17.49 13.52
N THR B 154 -37.88 -18.74 13.67
CA THR B 154 -39.07 -19.05 14.47
C THR B 154 -38.78 -18.85 15.96
N LYS B 155 -39.65 -18.07 16.64
CA LYS B 155 -39.63 -17.78 18.08
C LYS B 155 -38.36 -17.05 18.55
N GLY B 156 -37.83 -17.43 19.71
CA GLY B 156 -36.64 -16.83 20.30
C GLY B 156 -35.34 -17.13 19.57
N LYS B 157 -35.27 -18.31 18.92
CA LYS B 157 -34.12 -18.82 18.16
C LYS B 157 -33.66 -17.90 17.03
N SER B 158 -32.34 -17.86 16.81
CA SER B 158 -31.72 -17.06 15.74
C SER B 158 -32.00 -17.72 14.40
N TRP B 159 -31.98 -16.94 13.31
CA TRP B 159 -32.27 -17.41 11.96
C TRP B 159 -31.40 -18.62 11.63
N GLU B 160 -30.11 -18.57 12.02
CA GLU B 160 -29.12 -19.63 11.84
C GLU B 160 -29.49 -20.84 12.58
N SER B 161 -29.83 -20.70 13.85
CA SER B 161 -30.21 -21.82 14.69
C SER B 161 -31.45 -22.53 14.08
N SER B 162 -32.55 -21.81 13.79
CA SER B 162 -33.78 -22.38 13.22
C SER B 162 -33.53 -23.20 11.95
N LEU B 163 -32.68 -22.66 11.10
CA LEU B 163 -32.39 -23.25 9.81
C LEU B 163 -31.36 -24.35 9.82
N PHE B 164 -30.32 -24.21 10.61
CA PHE B 164 -29.30 -25.22 10.61
C PHE B 164 -29.10 -25.90 11.94
N GLU B 165 -29.87 -25.49 12.93
CA GLU B 165 -29.78 -26.04 14.29
C GLU B 165 -29.59 -27.54 14.41
N ASN B 166 -30.36 -28.33 13.67
CA ASN B 166 -30.17 -29.77 13.69
C ASN B 166 -30.74 -30.36 12.43
N MET B 167 -30.09 -30.10 11.31
CA MET B 167 -30.60 -30.59 10.05
C MET B 167 -29.72 -31.54 9.32
N PRO B 168 -30.33 -32.40 8.52
CA PRO B 168 -29.50 -33.36 7.76
C PRO B 168 -28.59 -32.63 6.77
N THR B 169 -27.44 -33.23 6.47
CA THR B 169 -26.42 -32.62 5.60
C THR B 169 -27.00 -32.27 4.24
N VAL B 170 -27.74 -33.22 3.62
CA VAL B 170 -28.39 -33.06 2.32
C VAL B 170 -29.40 -31.89 2.34
N ALA B 171 -30.22 -31.79 3.40
CA ALA B 171 -31.20 -30.70 3.59
C ALA B 171 -30.52 -29.35 3.72
N ALA B 172 -29.40 -29.30 4.45
CA ALA B 172 -28.59 -28.09 4.67
C ALA B 172 -28.00 -27.57 3.37
N ILE B 173 -27.46 -28.47 2.53
CA ILE B 173 -26.87 -28.13 1.24
C ILE B 173 -27.95 -27.63 0.25
N THR B 174 -29.11 -28.29 0.21
CA THR B 174 -30.20 -27.87 -0.67
C THR B 174 -30.72 -26.49 -0.25
N LEU B 175 -30.83 -26.24 1.06
CA LEU B 175 -31.24 -24.95 1.62
C LEU B 175 -30.27 -23.84 1.20
N LEU B 176 -28.95 -24.14 1.19
CA LEU B 176 -27.93 -23.18 0.78
C LEU B 176 -27.99 -22.93 -0.71
N THR B 177 -28.25 -23.98 -1.51
CA THR B 177 -28.41 -23.89 -2.98
C THR B 177 -29.60 -22.99 -3.34
N LYS B 178 -30.72 -23.09 -2.58
CA LYS B 178 -31.91 -22.25 -2.75
C LYS B 178 -31.55 -20.79 -2.46
N LEU B 179 -30.79 -20.54 -1.38
CA LEU B 179 -30.32 -19.21 -1.01
C LEU B 179 -29.47 -18.60 -2.13
N GLN B 180 -28.60 -19.39 -2.78
CA GLN B 180 -27.73 -18.97 -3.90
C GLN B 180 -28.56 -18.53 -5.09
N SER B 181 -29.54 -19.35 -5.45
CA SER B 181 -30.42 -19.09 -6.56
C SER B 181 -31.28 -17.84 -6.33
N ASP B 182 -31.68 -17.56 -5.08
CA ASP B 182 -32.43 -16.35 -4.72
C ASP B 182 -31.56 -15.10 -4.82
N VAL B 183 -30.26 -15.22 -4.50
CA VAL B 183 -29.26 -14.15 -4.60
C VAL B 183 -29.05 -13.82 -6.10
N ARG B 184 -28.91 -14.87 -6.93
CA ARG B 184 -28.72 -14.75 -8.38
C ARG B 184 -29.95 -14.15 -9.09
N TYR B 185 -31.14 -14.50 -8.62
CA TYR B 185 -32.40 -13.97 -9.14
C TYR B 185 -32.45 -12.47 -8.82
N ALA B 186 -32.22 -12.12 -7.54
CA ALA B 186 -32.19 -10.74 -7.03
C ALA B 186 -31.19 -9.90 -7.82
N GLN B 187 -29.99 -10.45 -8.08
CA GLN B 187 -28.92 -9.79 -8.85
C GLN B 187 -29.38 -9.42 -10.26
N GLY B 188 -29.91 -10.42 -10.98
CA GLY B 188 -30.46 -10.31 -12.33
C GLY B 188 -31.45 -9.18 -12.45
N GLU B 189 -32.43 -9.14 -11.50
CA GLU B 189 -33.53 -8.16 -11.39
C GLU B 189 -33.03 -6.75 -11.12
N VAL B 190 -32.05 -6.61 -10.20
CA VAL B 190 -31.44 -5.32 -9.86
C VAL B 190 -30.69 -4.76 -11.09
N LEU B 191 -29.94 -5.61 -11.79
CA LEU B 191 -29.22 -5.24 -13.01
C LEU B 191 -30.15 -4.72 -14.10
N ALA B 192 -31.28 -5.40 -14.34
CA ALA B 192 -32.27 -5.00 -15.33
C ALA B 192 -32.86 -3.64 -14.98
N ASP B 193 -33.10 -3.43 -13.68
CA ASP B 193 -33.63 -2.21 -13.08
C ASP B 193 -32.66 -1.01 -13.28
N LEU B 194 -31.34 -1.26 -13.11
CA LEU B 194 -30.27 -0.26 -13.24
C LEU B 194 -30.05 0.25 -14.66
N VAL B 195 -30.44 -0.54 -15.66
CA VAL B 195 -30.34 -0.17 -17.07
C VAL B 195 -31.52 0.79 -17.41
N LYS B 196 -31.23 2.10 -17.35
CA LYS B 196 -32.20 3.16 -17.60
C LYS B 196 -31.53 4.42 -18.17
N ASN C 50 4.73 0.50 -24.94
CA ASN C 50 4.10 -0.64 -25.58
C ASN C 50 3.34 -1.57 -24.59
N PRO C 51 3.91 -1.97 -23.41
CA PRO C 51 3.14 -2.83 -22.51
C PRO C 51 1.98 -2.08 -21.86
N GLU C 52 1.00 -2.83 -21.41
CA GLU C 52 -0.20 -2.31 -20.74
C GLU C 52 0.16 -1.53 -19.47
N LYS C 53 1.39 -1.68 -18.95
CA LYS C 53 1.93 -0.98 -17.76
C LYS C 53 1.71 0.55 -17.82
N VAL C 54 1.44 1.08 -19.04
CA VAL C 54 1.15 2.48 -19.35
C VAL C 54 -0.14 2.90 -18.64
N LYS C 55 -1.13 1.96 -18.54
CA LYS C 55 -2.41 2.16 -17.86
C LYS C 55 -2.16 2.53 -16.41
N VAL C 56 -1.13 1.91 -15.79
CA VAL C 56 -0.72 2.21 -14.42
C VAL C 56 -0.22 3.66 -14.33
N TRP C 57 0.57 4.10 -15.30
CA TRP C 57 1.09 5.46 -15.30
C TRP C 57 -0.03 6.50 -15.50
N TYR C 58 -0.95 6.26 -16.44
CA TYR C 58 -2.09 7.15 -16.69
C TYR C 58 -3.03 7.21 -15.49
N GLU C 59 -3.33 6.05 -14.85
CA GLU C 59 -4.19 5.96 -13.67
C GLU C 59 -3.58 6.71 -12.49
N ARG C 60 -2.30 6.44 -12.18
CA ARG C 60 -1.55 7.08 -11.10
C ARG C 60 -1.45 8.60 -11.30
N SER C 61 -1.23 9.02 -12.54
CA SER C 61 -1.08 10.44 -12.87
C SER C 61 -2.42 11.15 -12.84
N LEU C 62 -3.51 10.43 -13.12
CA LEU C 62 -4.86 10.96 -13.08
C LEU C 62 -5.33 11.16 -11.63
N VAL C 63 -4.94 10.24 -10.73
CA VAL C 63 -5.25 10.35 -9.31
C VAL C 63 -4.52 11.60 -8.73
N LEU C 64 -3.25 11.76 -9.09
CA LEU C 64 -2.42 12.88 -8.67
C LEU C 64 -2.99 14.22 -9.11
N GLN C 65 -3.48 14.30 -10.36
CA GLN C 65 -4.08 15.50 -10.95
C GLN C 65 -5.26 15.95 -10.14
N LYS C 66 -6.20 15.03 -9.86
CA LYS C 66 -7.41 15.30 -9.09
C LYS C 66 -7.09 15.83 -7.68
N GLU C 67 -6.10 15.22 -7.01
CA GLU C 67 -5.75 15.64 -5.66
C GLU C 67 -5.05 16.98 -5.60
N ALA C 68 -4.18 17.27 -6.58
CA ALA C 68 -3.44 18.52 -6.67
C ALA C 68 -4.38 19.64 -7.06
N ASP C 69 -5.35 19.34 -7.93
CA ASP C 69 -6.34 20.32 -8.37
C ASP C 69 -7.30 20.68 -7.25
N SER C 70 -7.75 19.69 -6.47
CA SER C 70 -8.65 19.94 -5.33
C SER C 70 -7.98 20.83 -4.27
N LEU C 71 -6.71 20.54 -3.97
CA LEU C 71 -5.92 21.28 -2.99
C LEU C 71 -5.71 22.71 -3.45
N CYS C 72 -5.36 22.91 -4.71
CA CYS C 72 -5.16 24.22 -5.27
C CYS C 72 -6.45 25.03 -5.33
N THR C 73 -7.59 24.38 -5.66
CA THR C 73 -8.93 25.01 -5.65
C THR C 73 -9.27 25.49 -4.23
N PHE C 74 -9.02 24.64 -3.21
CA PHE C 74 -9.22 24.97 -1.79
C PHE C 74 -8.39 26.19 -1.42
N ILE C 75 -7.10 26.21 -1.81
CA ILE C 75 -6.19 27.34 -1.54
C ILE C 75 -6.71 28.63 -2.21
N ASP C 76 -7.24 28.53 -3.45
CA ASP C 76 -7.83 29.66 -4.18
C ASP C 76 -9.04 30.21 -3.42
N ASP C 77 -9.84 29.31 -2.79
CA ASP C 77 -11.00 29.69 -1.97
C ASP C 77 -10.57 30.39 -0.68
N LEU C 78 -9.48 29.90 -0.05
CA LEU C 78 -8.90 30.51 1.15
C LEU C 78 -8.38 31.92 0.89
N LYS C 79 -7.72 32.13 -0.26
CA LYS C 79 -7.23 33.43 -0.69
C LYS C 79 -8.40 34.41 -0.86
N LEU C 80 -9.46 33.96 -1.52
CA LEU C 80 -10.67 34.77 -1.74
C LEU C 80 -11.42 35.06 -0.44
N ALA C 81 -11.49 34.09 0.48
CA ALA C 81 -12.14 34.28 1.79
C ALA C 81 -11.40 35.30 2.65
N ILE C 82 -10.04 35.27 2.60
CA ILE C 82 -9.21 36.22 3.33
C ILE C 82 -9.42 37.61 2.74
N ALA C 83 -9.36 37.77 1.41
CA ALA C 83 -9.60 39.02 0.70
C ALA C 83 -10.96 39.62 1.02
N ARG C 84 -12.03 38.80 1.00
CA ARG C 84 -13.40 39.18 1.30
C ARG C 84 -13.63 39.55 2.76
N GLU C 85 -12.94 38.88 3.69
CA GLU C 85 -13.02 39.18 5.13
C GLU C 85 -12.35 40.54 5.37
N SER C 86 -11.26 40.79 4.67
CA SER C 86 -10.53 42.06 4.75
C SER C 86 -11.25 43.26 4.11
N ASP C 87 -11.75 43.13 2.85
CA ASP C 87 -12.33 44.25 2.10
C ASP C 87 -13.82 44.23 1.80
N GLY C 88 -14.49 43.12 2.07
CA GLY C 88 -15.91 42.98 1.78
C GLY C 88 -16.18 42.12 0.55
N LYS C 89 -17.45 42.02 0.18
CA LYS C 89 -17.98 41.29 -0.97
C LYS C 89 -17.25 41.61 -2.26
N ASP C 90 -17.04 42.92 -2.51
CA ASP C 90 -16.35 43.47 -3.67
C ASP C 90 -14.85 43.49 -3.38
N ALA C 91 -14.24 42.29 -3.14
CA ALA C 91 -12.81 42.19 -2.91
C ALA C 91 -12.13 41.44 -4.05
N LYS C 92 -11.01 41.99 -4.52
CA LYS C 92 -10.18 41.43 -5.58
C LYS C 92 -8.94 40.87 -4.87
N VAL C 93 -8.67 39.56 -5.08
CA VAL C 93 -7.54 38.82 -4.49
C VAL C 93 -6.23 39.56 -4.75
N ASN C 94 -6.09 40.16 -5.93
CA ASN C 94 -4.99 41.03 -6.32
C ASN C 94 -5.61 42.43 -6.32
N ASP C 95 -4.84 43.45 -5.94
CA ASP C 95 -5.35 44.82 -5.78
C ASP C 95 -6.32 44.89 -4.57
N ILE C 96 -5.79 44.51 -3.38
CA ILE C 96 -6.42 44.51 -2.05
C ILE C 96 -6.45 45.96 -1.54
N ARG C 97 -7.62 46.41 -1.03
CA ARG C 97 -7.88 47.76 -0.51
C ARG C 97 -7.19 47.97 0.86
N ARG C 98 -7.26 46.96 1.73
CA ARG C 98 -6.67 47.01 3.06
C ARG C 98 -5.63 45.90 3.25
N LYS C 99 -4.39 46.19 2.82
CA LYS C 99 -3.22 45.32 2.90
C LYS C 99 -2.73 45.15 4.35
N ASP C 100 -2.97 46.20 5.17
CA ASP C 100 -2.54 46.33 6.55
C ASP C 100 -3.25 45.49 7.62
N ASN C 101 -4.57 45.24 7.50
CA ASN C 101 -5.29 44.56 8.58
C ASN C 101 -4.77 43.17 8.89
N LEU C 102 -4.72 42.86 10.20
CA LEU C 102 -4.23 41.62 10.80
C LEU C 102 -5.31 40.60 11.11
N ASP C 103 -6.58 41.05 11.11
CA ASP C 103 -7.73 40.23 11.48
C ASP C 103 -8.18 39.19 10.46
N ALA C 104 -8.26 39.55 9.16
CA ALA C 104 -8.77 38.69 8.08
C ALA C 104 -8.24 37.24 8.09
N SER C 105 -6.91 37.05 7.98
CA SER C 105 -6.26 35.72 7.96
C SER C 105 -6.58 34.90 9.21
N SER C 106 -6.53 35.55 10.36
CA SER C 106 -6.77 34.94 11.66
C SER C 106 -8.22 34.48 11.77
N VAL C 107 -9.17 35.32 11.32
CA VAL C 107 -10.60 34.99 11.33
C VAL C 107 -10.88 33.79 10.44
N VAL C 108 -10.44 33.84 9.16
CA VAL C 108 -10.67 32.77 8.16
C VAL C 108 -9.98 31.44 8.54
N MET C 109 -8.75 31.50 9.01
CA MET C 109 -7.96 30.31 9.31
C MET C 109 -8.06 29.76 10.72
N LEU C 110 -8.21 30.64 11.72
CA LEU C 110 -8.12 30.21 13.09
C LEU C 110 -9.37 30.33 13.96
N ASN C 111 -10.50 30.77 13.39
CA ASN C 111 -11.70 30.88 14.20
C ASN C 111 -12.13 29.50 14.72
N PRO C 112 -12.62 29.42 16.00
CA PRO C 112 -12.96 28.12 16.58
C PRO C 112 -14.14 27.38 15.98
N ILE C 113 -15.08 28.12 15.36
CA ILE C 113 -16.28 27.56 14.74
C ILE C 113 -16.04 26.97 13.36
N ASN C 114 -15.31 27.69 12.50
CA ASN C 114 -15.14 27.23 11.12
C ASN C 114 -13.82 27.63 10.50
N GLY C 115 -12.81 27.75 11.35
CA GLY C 115 -11.46 28.01 10.92
C GLY C 115 -11.00 26.94 9.95
N LYS C 116 -10.36 27.34 8.88
CA LYS C 116 -9.95 26.46 7.80
C LYS C 116 -8.50 26.01 7.88
N GLY C 117 -7.76 26.51 8.85
CA GLY C 117 -6.35 26.22 9.08
C GLY C 117 -5.98 24.76 9.29
N SER C 118 -6.72 24.09 10.18
CA SER C 118 -6.53 22.67 10.47
C SER C 118 -6.93 21.79 9.28
N THR C 119 -7.94 22.23 8.52
CA THR C 119 -8.44 21.56 7.32
C THR C 119 -7.38 21.61 6.24
N LEU C 120 -6.82 22.79 5.98
CA LEU C 120 -5.74 22.97 5.01
C LEU C 120 -4.50 22.11 5.37
N ARG C 121 -4.15 22.05 6.66
CA ARG C 121 -3.00 21.29 7.17
C ARG C 121 -3.16 19.80 6.81
N LYS C 122 -4.32 19.24 7.13
CA LYS C 122 -4.66 17.85 6.86
C LYS C 122 -4.74 17.54 5.38
N GLU C 123 -5.17 18.52 4.56
CA GLU C 123 -5.23 18.38 3.11
C GLU C 123 -3.82 18.34 2.48
N VAL C 124 -2.91 19.18 2.95
CA VAL C 124 -1.50 19.19 2.52
C VAL C 124 -0.87 17.84 2.95
N ASP C 125 -1.15 17.38 4.20
CA ASP C 125 -0.71 16.07 4.74
C ASP C 125 -1.11 14.95 3.83
N LYS C 126 -2.41 14.88 3.45
CA LYS C 126 -2.99 13.88 2.55
C LYS C 126 -2.26 13.89 1.20
N PHE C 127 -2.09 15.08 0.64
CA PHE C 127 -1.41 15.24 -0.63
C PHE C 127 0.06 14.79 -0.57
N ARG C 128 0.80 15.18 0.48
CA ARG C 128 2.19 14.81 0.71
C ARG C 128 2.33 13.28 0.85
N GLU C 129 1.39 12.64 1.53
CA GLU C 129 1.34 11.18 1.74
C GLU C 129 1.07 10.48 0.40
N LEU C 130 0.22 11.08 -0.45
CA LEU C 130 -0.09 10.55 -1.79
C LEU C 130 1.16 10.61 -2.67
N VAL C 131 1.87 11.74 -2.63
CA VAL C 131 3.11 12.01 -3.34
C VAL C 131 4.15 10.93 -2.97
N ALA C 132 4.20 10.56 -1.68
CA ALA C 132 5.11 9.52 -1.16
C ALA C 132 4.79 8.12 -1.72
N THR C 133 3.50 7.78 -1.89
CA THR C 133 3.12 6.46 -2.42
C THR C 133 3.34 6.33 -3.94
N LEU C 134 3.37 7.45 -4.67
CA LEU C 134 3.54 7.47 -6.13
C LEU C 134 5.01 7.54 -6.61
N MET C 135 5.91 8.06 -5.76
CA MET C 135 7.33 8.23 -6.05
C MET C 135 8.10 6.90 -6.11
N THR C 136 8.95 6.73 -7.15
CA THR C 136 9.82 5.57 -7.36
C THR C 136 11.30 5.98 -7.25
N ASP C 137 11.62 7.29 -7.50
CA ASP C 137 12.94 7.88 -7.28
C ASP C 137 12.83 8.31 -5.82
N LYS C 138 12.50 7.30 -5.00
CA LYS C 138 12.10 7.27 -3.60
C LYS C 138 12.94 8.05 -2.58
N ALA C 139 14.25 7.91 -2.59
CA ALA C 139 15.03 8.60 -1.56
C ALA C 139 15.24 10.09 -1.78
N LYS C 140 15.92 10.44 -2.86
CA LYS C 140 16.35 11.80 -3.17
C LYS C 140 15.24 12.81 -3.47
N LEU C 141 14.41 12.50 -4.45
CA LEU C 141 13.35 13.38 -4.95
C LEU C 141 12.27 13.67 -3.90
N LYS C 142 11.72 12.61 -3.30
CA LYS C 142 10.66 12.61 -2.28
C LYS C 142 10.93 13.50 -1.06
N LEU C 143 12.16 13.46 -0.49
CA LEU C 143 12.48 14.25 0.70
C LEU C 143 12.48 15.76 0.46
N ILE C 144 12.85 16.22 -0.76
CA ILE C 144 12.83 17.65 -1.12
C ILE C 144 11.38 18.19 -1.07
N GLU C 145 10.42 17.41 -1.61
CA GLU C 145 8.99 17.76 -1.62
C GLU C 145 8.31 17.72 -0.26
N GLN C 146 8.69 16.73 0.57
CA GLN C 146 8.20 16.55 1.93
C GLN C 146 8.63 17.76 2.76
N ALA C 147 9.81 18.34 2.44
CA ALA C 147 10.31 19.53 3.12
C ALA C 147 9.51 20.76 2.71
N LEU C 148 9.10 20.86 1.41
CA LEU C 148 8.29 21.96 0.87
C LEU C 148 6.87 21.92 1.42
N ASN C 149 6.35 20.70 1.62
CA ASN C 149 5.03 20.46 2.17
C ASN C 149 5.12 20.04 3.65
N THR C 150 6.15 20.49 4.42
CA THR C 150 6.31 20.06 5.84
C THR C 150 5.12 20.29 6.70
N GLU C 151 4.58 21.52 6.63
CA GLU C 151 3.43 21.88 7.43
C GLU C 151 3.69 21.59 8.99
N SER C 152 4.91 21.94 9.44
CA SER C 152 5.27 21.75 10.85
C SER C 152 5.48 23.05 11.60
N GLY C 153 4.82 23.16 12.74
CA GLY C 153 4.95 24.28 13.66
C GLY C 153 6.07 23.97 14.63
N THR C 154 6.43 24.93 15.49
CA THR C 154 7.51 24.75 16.47
C THR C 154 7.03 24.97 17.91
N LYS C 155 7.50 24.13 18.84
CA LYS C 155 7.22 24.21 20.28
C LYS C 155 5.71 24.22 20.63
N GLY C 156 5.01 23.13 20.29
CA GLY C 156 3.60 22.97 20.57
C GLY C 156 2.68 24.07 20.06
N LYS C 157 3.04 24.66 18.91
CA LYS C 157 2.28 25.71 18.22
C LYS C 157 1.92 25.12 16.90
N SER C 158 0.67 25.30 16.46
CA SER C 158 0.25 24.70 15.19
C SER C 158 0.87 25.39 14.00
N TRP C 159 1.02 24.64 12.90
CA TRP C 159 1.52 25.16 11.62
C TRP C 159 0.61 26.32 11.15
N GLU C 160 -0.72 26.14 11.21
CA GLU C 160 -1.70 27.16 10.83
C GLU C 160 -1.61 28.40 11.73
N SER C 161 -1.41 28.22 13.06
CA SER C 161 -1.29 29.34 13.98
C SER C 161 -0.03 30.17 13.65
N SER C 162 1.12 29.50 13.45
CA SER C 162 2.38 30.19 13.18
C SER C 162 2.32 31.01 11.88
N LEU C 163 1.69 30.46 10.85
CA LEU C 163 1.57 31.10 9.56
C LEU C 163 0.52 32.17 9.41
N PHE C 164 -0.61 32.09 10.16
CA PHE C 164 -1.72 33.04 10.00
C PHE C 164 -2.09 33.88 11.22
N GLU C 165 -1.48 33.67 12.38
CA GLU C 165 -1.80 34.51 13.55
C GLU C 165 -1.12 35.88 13.36
N ASN C 166 -1.92 36.98 13.46
CA ASN C 166 -1.46 38.39 13.30
C ASN C 166 -0.77 38.63 11.96
N MET C 167 -1.37 38.13 10.88
CA MET C 167 -0.85 38.28 9.52
C MET C 167 -1.65 39.30 8.74
N PRO C 168 -0.96 40.29 8.13
CA PRO C 168 -1.66 41.25 7.28
C PRO C 168 -2.18 40.50 6.06
N THR C 169 -3.33 40.91 5.55
CA THR C 169 -4.03 40.28 4.44
C THR C 169 -3.12 39.90 3.28
N VAL C 170 -2.27 40.83 2.82
CA VAL C 170 -1.37 40.63 1.69
C VAL C 170 -0.33 39.53 1.91
N ALA C 171 0.28 39.47 3.13
CA ALA C 171 1.27 38.47 3.51
C ALA C 171 0.62 37.05 3.53
N ALA C 172 -0.60 36.96 4.02
CA ALA C 172 -1.39 35.71 4.08
C ALA C 172 -1.69 35.16 2.69
N ILE C 173 -2.07 36.03 1.75
CA ILE C 173 -2.37 35.64 0.37
C ILE C 173 -1.09 35.20 -0.36
N THR C 174 0.02 35.92 -0.17
CA THR C 174 1.30 35.54 -0.79
C THR C 174 1.79 34.19 -0.26
N LEU C 175 1.64 33.96 1.04
CA LEU C 175 1.98 32.69 1.67
C LEU C 175 1.15 31.53 1.07
N LEU C 176 -0.13 31.78 0.80
CA LEU C 176 -1.04 30.79 0.20
C LEU C 176 -0.69 30.52 -1.27
N THR C 177 -0.28 31.57 -2.00
CA THR C 177 0.18 31.49 -3.39
C THR C 177 1.45 30.61 -3.49
N LYS C 178 2.37 30.77 -2.52
CA LYS C 178 3.61 29.98 -2.42
C LYS C 178 3.29 28.52 -2.15
N LEU C 179 2.32 28.25 -1.25
CA LEU C 179 1.87 26.90 -0.97
C LEU C 179 1.31 26.23 -2.23
N GLN C 180 0.55 27.02 -3.04
CA GLN C 180 -0.01 26.56 -4.32
C GLN C 180 1.10 26.13 -5.28
N SER C 181 2.11 26.99 -5.47
CA SER C 181 3.26 26.75 -6.33
C SER C 181 4.13 25.55 -5.86
N ASP C 182 4.19 25.29 -4.56
CA ASP C 182 4.88 24.12 -4.00
C ASP C 182 4.12 22.83 -4.30
N VAL C 183 2.78 22.90 -4.34
CA VAL C 183 1.92 21.76 -4.66
C VAL C 183 2.10 21.42 -6.15
N ARG C 184 2.14 22.43 -7.02
CA ARG C 184 2.34 22.28 -8.47
C ARG C 184 3.76 21.78 -8.79
N TYR C 185 4.78 22.23 -8.05
CA TYR C 185 6.16 21.75 -8.19
C TYR C 185 6.18 20.26 -7.84
N ALA C 186 5.61 19.88 -6.69
CA ALA C 186 5.49 18.48 -6.26
C ALA C 186 4.78 17.63 -7.31
N GLN C 187 3.68 18.15 -7.87
CA GLN C 187 2.90 17.50 -8.92
C GLN C 187 3.75 17.21 -10.15
N GLY C 188 4.50 18.23 -10.60
CA GLY C 188 5.37 18.15 -11.76
C GLY C 188 6.46 17.13 -11.62
N GLU C 189 7.08 17.06 -10.44
CA GLU C 189 8.14 16.12 -10.08
C GLU C 189 7.63 14.68 -10.06
N VAL C 190 6.42 14.45 -9.48
CA VAL C 190 5.77 13.14 -9.43
C VAL C 190 5.44 12.68 -10.85
N LEU C 191 4.91 13.59 -11.70
CA LEU C 191 4.57 13.30 -13.09
C LEU C 191 5.77 12.88 -13.89
N ALA C 192 6.92 13.58 -13.73
CA ALA C 192 8.16 13.25 -14.42
C ALA C 192 8.68 11.87 -14.04
N ASP C 193 8.59 11.55 -12.75
CA ASP C 193 8.96 10.28 -12.14
C ASP C 193 8.06 9.11 -12.65
N LEU C 194 6.74 9.36 -12.82
CA LEU C 194 5.78 8.38 -13.33
C LEU C 194 6.05 7.94 -14.77
N VAL C 195 6.61 8.83 -15.60
CA VAL C 195 6.91 8.57 -17.01
C VAL C 195 8.17 7.73 -17.16
N LYS C 196 9.21 7.99 -16.33
CA LYS C 196 10.54 7.33 -16.37
C LYS C 196 11.30 7.75 -17.64
N LYS D 53 -6.01 6.79 -27.11
CA LYS D 53 -5.49 8.14 -26.91
C LYS D 53 -4.46 8.26 -25.77
N VAL D 54 -4.48 7.33 -24.80
CA VAL D 54 -3.55 7.23 -23.66
C VAL D 54 -2.10 6.99 -24.18
N LYS D 55 -1.96 6.20 -25.26
CA LYS D 55 -0.69 5.92 -25.92
C LYS D 55 -0.06 7.23 -26.37
N VAL D 56 -0.90 8.19 -26.84
CA VAL D 56 -0.48 9.53 -27.26
C VAL D 56 0.02 10.30 -26.03
N TRP D 57 -0.68 10.17 -24.84
CA TRP D 57 -0.23 10.79 -23.55
C TRP D 57 1.17 10.33 -23.26
N TYR D 58 1.35 9.01 -23.14
CA TYR D 58 2.60 8.38 -22.80
C TYR D 58 3.73 8.72 -23.73
N GLU D 59 3.48 8.66 -25.06
CA GLU D 59 4.47 8.96 -26.10
C GLU D 59 4.89 10.43 -26.05
N ARG D 60 3.91 11.37 -25.97
CA ARG D 60 4.19 12.82 -25.88
C ARG D 60 4.94 13.20 -24.60
N SER D 61 4.59 12.54 -23.49
CA SER D 61 5.22 12.81 -22.21
C SER D 61 6.63 12.21 -22.14
N LEU D 62 6.87 11.13 -22.90
CA LEU D 62 8.17 10.48 -22.99
C LEU D 62 9.11 11.33 -23.84
N VAL D 63 8.58 11.96 -24.90
CA VAL D 63 9.34 12.88 -25.76
C VAL D 63 9.81 14.09 -24.96
N LEU D 64 8.87 14.71 -24.24
CA LEU D 64 9.15 15.87 -23.38
C LEU D 64 10.23 15.62 -22.33
N GLN D 65 10.14 14.50 -21.59
CA GLN D 65 11.11 14.09 -20.57
C GLN D 65 12.53 13.98 -21.18
N LYS D 66 12.69 13.27 -22.32
CA LYS D 66 13.96 13.11 -23.02
C LYS D 66 14.57 14.46 -23.40
N GLU D 67 13.74 15.37 -23.93
CA GLU D 67 14.16 16.71 -24.31
C GLU D 67 14.54 17.57 -23.13
N ALA D 68 13.77 17.50 -22.05
CA ALA D 68 14.02 18.25 -20.82
C ALA D 68 15.29 17.74 -20.14
N ASP D 69 15.49 16.41 -20.08
CA ASP D 69 16.67 15.76 -19.50
C ASP D 69 17.93 16.08 -20.28
N SER D 70 17.87 16.05 -21.63
CA SER D 70 19.01 16.40 -22.48
C SER D 70 19.45 17.85 -22.27
N LEU D 71 18.49 18.78 -22.20
CA LEU D 71 18.76 20.19 -21.99
C LEU D 71 19.38 20.42 -20.62
N CYS D 72 18.83 19.80 -19.59
CA CYS D 72 19.37 19.93 -18.26
C CYS D 72 20.76 19.33 -18.12
N THR D 73 21.01 18.18 -18.81
CA THR D 73 22.29 17.47 -18.88
C THR D 73 23.36 18.34 -19.55
N PHE D 74 22.98 19.06 -20.64
CA PHE D 74 23.81 20.03 -21.35
C PHE D 74 24.15 21.21 -20.42
N ILE D 75 23.14 21.76 -19.71
CA ILE D 75 23.34 22.87 -18.78
C ILE D 75 24.27 22.46 -17.63
N ASP D 76 24.15 21.19 -17.13
CA ASP D 76 25.02 20.64 -16.08
C ASP D 76 26.44 20.60 -16.61
N ASP D 77 26.63 20.27 -17.91
CA ASP D 77 27.97 20.23 -18.54
C ASP D 77 28.56 21.63 -18.66
N LEU D 78 27.73 22.63 -18.99
CA LEU D 78 28.14 24.04 -19.09
C LEU D 78 28.60 24.59 -17.76
N LYS D 79 27.87 24.23 -16.67
CA LYS D 79 28.21 24.63 -15.31
C LYS D 79 29.58 24.03 -14.94
N LEU D 80 29.78 22.75 -15.24
CA LEU D 80 31.03 22.05 -14.96
C LEU D 80 32.20 22.57 -15.79
N ALA D 81 31.96 22.92 -17.04
CA ALA D 81 32.99 23.49 -17.91
C ALA D 81 33.43 24.88 -17.43
N ILE D 82 32.47 25.70 -16.94
CA ILE D 82 32.75 27.04 -16.42
C ILE D 82 33.56 26.88 -15.14
N ALA D 83 33.14 25.98 -14.23
CA ALA D 83 33.83 25.70 -12.97
C ALA D 83 35.28 25.21 -13.22
N ARG D 84 35.48 24.28 -14.18
CA ARG D 84 36.78 23.71 -14.59
C ARG D 84 37.69 24.72 -15.27
N GLU D 85 37.12 25.64 -16.06
CA GLU D 85 37.89 26.71 -16.72
C GLU D 85 38.36 27.69 -15.62
N SER D 86 37.51 27.90 -14.62
CA SER D 86 37.76 28.77 -13.47
C SER D 86 38.81 28.21 -12.49
N ASP D 87 38.60 26.98 -11.96
CA ASP D 87 39.44 26.38 -10.92
C ASP D 87 40.31 25.18 -11.29
N GLY D 88 40.24 24.69 -12.52
CA GLY D 88 41.03 23.55 -12.91
C GLY D 88 40.19 22.29 -12.95
N LYS D 89 40.80 21.18 -13.37
CA LYS D 89 40.13 19.88 -13.57
C LYS D 89 39.30 19.38 -12.33
N ASP D 90 39.88 19.49 -11.12
CA ASP D 90 39.28 19.06 -9.84
C ASP D 90 38.18 19.98 -9.28
N ALA D 91 37.85 21.07 -10.01
CA ALA D 91 36.84 22.07 -9.67
C ALA D 91 35.53 21.44 -9.30
N LYS D 92 34.93 21.93 -8.20
CA LYS D 92 33.63 21.47 -7.71
C LYS D 92 32.58 22.52 -8.08
N VAL D 93 31.57 22.13 -8.89
CA VAL D 93 30.53 23.07 -9.33
C VAL D 93 29.68 23.55 -8.17
N ASN D 94 28.97 22.62 -7.53
CA ASN D 94 27.97 22.84 -6.47
C ASN D 94 28.34 23.93 -5.49
N ASP D 95 29.55 23.89 -4.95
CA ASP D 95 29.95 24.92 -4.02
C ASP D 95 31.45 25.17 -4.10
N ILE D 96 31.89 26.12 -3.27
CA ILE D 96 33.26 26.55 -3.08
C ILE D 96 34.09 26.54 -4.41
N ARG D 97 33.73 27.44 -5.35
CA ARG D 97 34.58 27.63 -6.53
C ARG D 97 35.74 28.44 -5.92
N ARG D 98 36.94 27.82 -5.82
CA ARG D 98 38.13 28.44 -5.23
C ARG D 98 38.36 29.83 -5.83
N LYS D 99 38.26 29.93 -7.17
CA LYS D 99 38.44 31.17 -7.92
C LYS D 99 37.11 31.76 -8.37
N ASP D 100 36.81 32.98 -7.92
CA ASP D 100 35.63 33.73 -8.34
C ASP D 100 36.20 34.85 -9.20
N ASN D 101 36.17 34.65 -10.53
CA ASN D 101 36.73 35.61 -11.49
C ASN D 101 35.95 35.77 -12.76
N LEU D 102 36.02 36.98 -13.32
CA LEU D 102 35.39 37.39 -14.57
C LEU D 102 36.04 36.64 -15.73
N ASP D 103 35.31 36.58 -16.85
CA ASP D 103 35.69 36.03 -18.15
C ASP D 103 36.06 34.48 -18.15
N ALA D 104 35.54 33.69 -17.18
CA ALA D 104 35.71 32.22 -17.21
C ALA D 104 34.58 31.65 -18.08
N SER D 105 33.40 32.29 -17.98
CA SER D 105 32.20 31.95 -18.75
C SER D 105 32.35 32.45 -20.17
N SER D 106 33.04 33.59 -20.35
CA SER D 106 33.29 34.15 -21.68
C SER D 106 34.04 33.13 -22.52
N VAL D 107 35.04 32.43 -21.94
CA VAL D 107 35.81 31.39 -22.62
C VAL D 107 34.91 30.23 -23.03
N VAL D 108 34.18 29.64 -22.08
CA VAL D 108 33.30 28.49 -22.30
C VAL D 108 32.12 28.80 -23.26
N MET D 109 31.49 29.97 -23.11
CA MET D 109 30.31 30.31 -23.89
C MET D 109 30.56 31.05 -25.19
N LEU D 110 31.58 31.92 -25.24
CA LEU D 110 31.79 32.80 -26.39
C LEU D 110 33.07 32.63 -27.23
N ASN D 111 33.99 31.70 -26.94
CA ASN D 111 35.16 31.58 -27.84
C ASN D 111 34.69 31.23 -29.29
N PRO D 112 35.31 31.81 -30.35
CA PRO D 112 34.78 31.56 -31.71
C PRO D 112 34.92 30.13 -32.24
N ILE D 113 35.87 29.38 -31.69
CA ILE D 113 36.15 28.01 -32.11
C ILE D 113 35.24 26.96 -31.47
N ASN D 114 35.09 26.99 -30.12
CA ASN D 114 34.36 25.99 -29.31
C ASN D 114 33.16 26.53 -28.50
N GLY D 115 32.91 27.83 -28.51
CA GLY D 115 31.85 28.49 -27.76
C GLY D 115 30.53 27.76 -27.76
N LYS D 116 29.97 27.56 -26.56
CA LYS D 116 28.73 26.80 -26.40
C LYS D 116 27.45 27.65 -26.27
N GLY D 117 27.61 28.97 -26.23
CA GLY D 117 26.52 29.92 -26.12
C GLY D 117 25.42 29.76 -27.15
N SER D 118 25.80 29.79 -28.45
CA SER D 118 24.85 29.69 -29.58
C SER D 118 24.13 28.34 -29.58
N THR D 119 24.86 27.30 -29.16
CA THR D 119 24.35 25.93 -29.04
C THR D 119 23.26 25.90 -27.96
N LEU D 120 23.53 26.50 -26.80
CA LEU D 120 22.59 26.61 -25.70
C LEU D 120 21.33 27.35 -26.14
N ARG D 121 21.49 28.47 -26.87
CA ARG D 121 20.40 29.30 -27.35
C ARG D 121 19.44 28.48 -28.21
N LYS D 122 19.97 27.78 -29.21
CA LYS D 122 19.20 26.94 -30.12
C LYS D 122 18.52 25.79 -29.42
N GLU D 123 19.15 25.23 -28.38
CA GLU D 123 18.59 24.13 -27.58
C GLU D 123 17.42 24.61 -26.70
N VAL D 124 17.55 25.84 -26.10
CA VAL D 124 16.50 26.47 -25.31
C VAL D 124 15.31 26.82 -26.27
N ASP D 125 15.60 27.23 -27.51
CA ASP D 125 14.63 27.55 -28.56
C ASP D 125 13.82 26.32 -28.91
N LYS D 126 14.52 25.19 -29.20
CA LYS D 126 13.94 23.91 -29.58
C LYS D 126 13.00 23.43 -28.50
N PHE D 127 13.47 23.48 -27.25
CA PHE D 127 12.67 23.03 -26.12
C PHE D 127 11.41 23.87 -25.93
N ARG D 128 11.53 25.21 -26.02
CA ARG D 128 10.42 26.14 -25.90
C ARG D 128 9.38 25.91 -27.01
N GLU D 129 9.83 25.63 -28.23
CA GLU D 129 8.98 25.32 -29.39
C GLU D 129 8.26 23.99 -29.17
N LEU D 130 8.92 23.00 -28.55
CA LEU D 130 8.32 21.69 -28.23
C LEU D 130 7.21 21.88 -27.19
N VAL D 131 7.48 22.70 -26.16
CA VAL D 131 6.56 23.04 -25.09
C VAL D 131 5.30 23.67 -25.69
N ALA D 132 5.46 24.54 -26.70
CA ALA D 132 4.36 25.20 -27.41
C ALA D 132 3.49 24.21 -28.18
N THR D 133 4.08 23.17 -28.81
CA THR D 133 3.30 22.18 -29.58
C THR D 133 2.54 21.19 -28.69
N LEU D 134 3.12 20.87 -27.52
CA LEU D 134 2.57 19.92 -26.57
C LEU D 134 1.48 20.50 -25.68
N MET D 135 1.53 21.81 -25.39
CA MET D 135 0.52 22.44 -24.56
C MET D 135 -0.85 22.54 -25.26
N THR D 136 -1.91 22.01 -24.60
CA THR D 136 -3.30 22.13 -25.06
C THR D 136 -3.79 23.42 -24.45
N ASP D 137 -4.09 24.39 -25.33
CA ASP D 137 -4.52 25.74 -24.95
C ASP D 137 -3.52 26.26 -23.88
N LYS D 138 -4.03 26.67 -22.71
CA LYS D 138 -3.23 27.20 -21.60
C LYS D 138 -2.25 28.23 -22.10
N ALA D 139 -2.77 29.19 -22.90
CA ALA D 139 -2.00 30.26 -23.52
C ALA D 139 -1.36 31.13 -22.46
N LYS D 140 -2.06 31.32 -21.31
CA LYS D 140 -1.60 32.09 -20.16
C LYS D 140 -0.44 31.36 -19.48
N LEU D 141 -0.57 30.02 -19.29
CA LEU D 141 0.47 29.19 -18.67
C LEU D 141 1.67 29.09 -19.59
N LYS D 142 1.42 28.85 -20.90
CA LYS D 142 2.41 28.74 -21.96
C LYS D 142 3.15 30.08 -22.10
N LEU D 143 2.41 31.21 -21.99
CA LEU D 143 2.96 32.56 -22.06
C LEU D 143 4.03 32.76 -20.97
N ILE D 144 3.73 32.35 -19.72
CA ILE D 144 4.67 32.44 -18.59
C ILE D 144 5.98 31.68 -18.91
N GLU D 145 5.85 30.43 -19.42
CA GLU D 145 6.96 29.55 -19.80
C GLU D 145 7.85 30.14 -20.88
N GLN D 146 7.24 30.77 -21.88
CA GLN D 146 7.93 31.43 -23.00
C GLN D 146 8.79 32.60 -22.49
N ALA D 147 8.27 33.35 -21.49
CA ALA D 147 8.97 34.47 -20.88
C ALA D 147 10.20 33.97 -20.09
N LEU D 148 10.10 32.75 -19.50
CA LEU D 148 11.18 32.11 -18.74
C LEU D 148 12.40 31.82 -19.62
N ASN D 149 12.12 31.51 -20.90
CA ASN D 149 13.13 31.24 -21.89
C ASN D 149 13.22 32.48 -22.82
N THR D 150 13.45 33.69 -22.22
CA THR D 150 13.51 35.02 -22.87
C THR D 150 14.03 34.98 -24.31
N GLU D 151 15.25 34.41 -24.52
CA GLU D 151 15.92 34.30 -25.81
C GLU D 151 15.98 35.72 -26.48
N SER D 152 16.32 36.74 -25.67
CA SER D 152 16.34 38.10 -26.17
C SER D 152 17.70 38.76 -26.02
N GLY D 153 18.36 38.95 -27.15
CA GLY D 153 19.68 39.51 -27.26
C GLY D 153 19.91 40.88 -26.66
N THR D 154 18.94 41.79 -26.87
CA THR D 154 18.91 43.21 -26.47
C THR D 154 19.94 44.02 -27.32
N LYS D 155 19.42 44.69 -28.38
CA LYS D 155 20.14 45.50 -29.38
C LYS D 155 21.17 44.69 -30.18
N GLY D 156 22.39 45.21 -30.32
CA GLY D 156 23.47 44.60 -31.09
C GLY D 156 23.96 43.25 -30.60
N LYS D 157 24.00 43.06 -29.27
CA LYS D 157 24.49 41.81 -28.65
C LYS D 157 23.56 40.62 -28.83
N SER D 158 24.12 39.43 -29.11
CA SER D 158 23.38 38.15 -29.17
C SER D 158 23.03 37.76 -27.73
N TRP D 159 22.00 36.93 -27.53
CA TRP D 159 21.55 36.51 -26.21
C TRP D 159 22.69 35.99 -25.33
N GLU D 160 23.55 35.14 -25.94
CA GLU D 160 24.73 34.52 -25.30
C GLU D 160 25.77 35.56 -24.91
N SER D 161 26.00 36.55 -25.79
CA SER D 161 26.96 37.64 -25.55
C SER D 161 26.47 38.52 -24.38
N SER D 162 25.20 38.98 -24.40
CA SER D 162 24.64 39.80 -23.33
C SER D 162 24.72 39.13 -21.94
N LEU D 163 24.42 37.82 -21.89
CA LEU D 163 24.42 37.05 -20.66
C LEU D 163 25.78 36.62 -20.15
N PHE D 164 26.75 36.31 -21.01
CA PHE D 164 28.04 35.80 -20.51
C PHE D 164 29.27 36.68 -20.83
N GLU D 165 29.07 37.83 -21.53
CA GLU D 165 30.11 38.79 -21.95
C GLU D 165 31.01 39.17 -20.79
N ASN D 166 30.39 39.66 -19.71
CA ASN D 166 31.10 40.10 -18.52
C ASN D 166 30.40 39.45 -17.36
N MET D 167 30.80 38.22 -17.04
CA MET D 167 30.10 37.56 -15.96
C MET D 167 30.98 36.75 -15.03
N PRO D 168 30.84 37.00 -13.70
CA PRO D 168 31.60 36.22 -12.71
C PRO D 168 31.16 34.76 -12.78
N THR D 169 32.09 33.84 -12.49
CA THR D 169 31.88 32.40 -12.52
C THR D 169 30.65 32.00 -11.69
N VAL D 170 30.56 32.49 -10.46
CA VAL D 170 29.46 32.21 -9.52
C VAL D 170 28.11 32.68 -10.11
N ALA D 171 28.07 33.92 -10.69
CA ALA D 171 26.86 34.49 -11.29
C ALA D 171 26.43 33.69 -12.52
N ALA D 172 27.41 33.23 -13.32
CA ALA D 172 27.18 32.42 -14.53
C ALA D 172 26.55 31.08 -14.19
N ILE D 173 27.05 30.41 -13.14
CA ILE D 173 26.56 29.11 -12.68
C ILE D 173 25.15 29.25 -12.09
N THR D 174 24.90 30.30 -11.29
CA THR D 174 23.57 30.51 -10.72
C THR D 174 22.55 30.80 -11.83
N LEU D 175 22.95 31.57 -12.85
CA LEU D 175 22.12 31.88 -14.01
C LEU D 175 21.74 30.59 -14.75
N LEU D 176 22.68 29.67 -14.85
CA LEU D 176 22.49 28.40 -15.51
C LEU D 176 21.59 27.47 -14.70
N THR D 177 21.71 27.52 -13.36
CA THR D 177 20.86 26.77 -12.43
C THR D 177 19.40 27.26 -12.50
N LYS D 178 19.19 28.60 -12.64
CA LYS D 178 17.87 29.22 -12.76
C LYS D 178 17.23 28.73 -14.06
N LEU D 179 18.05 28.67 -15.13
CA LEU D 179 17.63 28.16 -16.44
C LEU D 179 17.15 26.73 -16.31
N GLN D 180 17.90 25.87 -15.62
CA GLN D 180 17.53 24.47 -15.41
C GLN D 180 16.20 24.35 -14.71
N SER D 181 15.96 25.17 -13.67
CA SER D 181 14.73 25.11 -12.89
C SER D 181 13.53 25.55 -13.73
N ASP D 182 13.74 26.55 -14.60
CA ASP D 182 12.73 26.99 -15.56
C ASP D 182 12.37 25.87 -16.55
N VAL D 183 13.35 25.02 -16.92
CA VAL D 183 13.07 23.89 -17.80
C VAL D 183 12.23 22.83 -17.06
N ARG D 184 12.48 22.66 -15.76
CA ARG D 184 11.76 21.71 -14.91
C ARG D 184 10.36 22.20 -14.63
N TYR D 185 10.19 23.51 -14.45
CA TYR D 185 8.89 24.13 -14.26
C TYR D 185 8.06 23.89 -15.51
N ALA D 186 8.60 24.24 -16.68
CA ALA D 186 7.97 24.06 -17.99
C ALA D 186 7.59 22.60 -18.20
N GLN D 187 8.50 21.68 -17.88
CA GLN D 187 8.31 20.23 -18.02
C GLN D 187 7.11 19.75 -17.22
N GLY D 188 7.05 20.10 -15.94
CA GLY D 188 5.96 19.70 -15.07
C GLY D 188 4.60 20.24 -15.48
N GLU D 189 4.57 21.49 -15.97
CA GLU D 189 3.34 22.13 -16.43
C GLU D 189 2.83 21.44 -17.67
N VAL D 190 3.73 21.07 -18.61
CA VAL D 190 3.39 20.36 -19.86
C VAL D 190 2.86 18.96 -19.51
N LEU D 191 3.51 18.26 -18.56
CA LEU D 191 3.09 16.94 -18.08
C LEU D 191 1.69 16.94 -17.51
N ALA D 192 1.37 17.95 -16.67
CA ALA D 192 0.06 18.09 -16.04
C ALA D 192 -1.01 18.32 -17.08
N ASP D 193 -0.69 19.13 -18.09
CA ASP D 193 -1.54 19.47 -19.22
C ASP D 193 -1.82 18.27 -20.13
N LEU D 194 -0.80 17.40 -20.34
CA LEU D 194 -0.92 16.18 -21.15
C LEU D 194 -1.89 15.14 -20.56
N VAL D 195 -2.04 15.12 -19.23
CA VAL D 195 -2.93 14.20 -18.51
C VAL D 195 -4.42 14.61 -18.68
N LYS D 196 -4.79 15.91 -18.52
CA LYS D 196 -6.16 16.42 -18.70
C LYS D 196 -7.18 15.76 -17.73
N ASP E 3 18.17 -26.01 39.88
CA ASP E 3 18.70 -27.11 39.05
C ASP E 3 17.68 -28.22 38.82
N VAL E 4 17.69 -28.78 37.59
CA VAL E 4 16.81 -29.87 37.13
C VAL E 4 17.68 -30.87 36.31
N GLN E 5 17.38 -32.18 36.41
CA GLN E 5 18.15 -33.23 35.72
C GLN E 5 17.29 -34.17 34.88
N LEU E 6 17.72 -34.40 33.63
CA LEU E 6 17.01 -35.22 32.65
C LEU E 6 17.88 -36.38 32.13
N VAL E 7 17.34 -37.61 32.12
CA VAL E 7 18.05 -38.83 31.68
C VAL E 7 17.39 -39.35 30.40
N GLU E 8 18.16 -39.83 29.43
CA GLU E 8 17.61 -40.25 28.13
C GLU E 8 18.00 -41.66 27.74
N SER E 9 17.04 -42.45 27.26
CA SER E 9 17.24 -43.84 26.85
C SER E 9 16.18 -44.36 25.87
N GLY E 10 16.61 -45.08 24.84
CA GLY E 10 15.75 -45.70 23.84
C GLY E 10 16.13 -45.54 22.38
N GLY E 11 17.26 -44.91 22.10
CA GLY E 11 17.74 -44.67 20.74
C GLY E 11 18.21 -45.93 20.04
N GLY E 12 17.94 -45.99 18.74
CA GLY E 12 18.33 -47.14 17.93
C GLY E 12 18.43 -46.92 16.43
N LEU E 13 18.78 -48.01 15.75
CA LEU E 13 18.92 -48.12 14.32
C LEU E 13 17.69 -48.87 13.80
N VAL E 14 17.04 -48.33 12.75
CA VAL E 14 15.84 -48.93 12.16
C VAL E 14 15.77 -48.63 10.64
N GLN E 15 15.05 -49.44 9.85
CA GLN E 15 14.95 -49.18 8.40
C GLN E 15 13.78 -48.24 8.09
N ALA E 16 13.66 -47.83 6.83
CA ALA E 16 12.62 -46.91 6.35
C ALA E 16 11.22 -47.48 6.52
N GLY E 17 10.35 -46.69 7.14
CA GLY E 17 8.98 -47.07 7.42
C GLY E 17 8.79 -47.78 8.74
N GLY E 18 9.88 -47.91 9.50
CA GLY E 18 9.87 -48.55 10.81
C GLY E 18 9.48 -47.60 11.93
N SER E 19 9.27 -48.14 13.14
CA SER E 19 8.91 -47.38 14.32
C SER E 19 9.94 -47.54 15.43
N LEU E 20 9.99 -46.56 16.36
CA LEU E 20 10.84 -46.52 17.54
C LEU E 20 10.16 -45.77 18.70
N ARG E 21 10.83 -45.67 19.87
CA ARG E 21 10.34 -44.97 21.06
C ARG E 21 11.47 -44.54 22.02
N VAL E 22 11.69 -43.21 22.13
CA VAL E 22 12.69 -42.60 22.99
C VAL E 22 12.03 -42.04 24.25
N SER E 23 12.67 -42.23 25.41
CA SER E 23 12.16 -41.74 26.68
C SER E 23 13.09 -40.73 27.34
N CYS E 24 12.56 -39.96 28.31
CA CYS E 24 13.32 -38.96 29.08
C CYS E 24 12.91 -39.06 30.55
N ALA E 25 13.91 -39.23 31.43
CA ALA E 25 13.75 -39.32 32.88
C ALA E 25 13.75 -37.95 33.50
N ALA E 26 12.77 -37.71 34.37
CA ALA E 26 12.67 -36.46 35.08
C ALA E 26 12.76 -36.66 36.56
N SER E 27 13.25 -35.62 37.22
CA SER E 27 13.51 -35.60 38.65
C SER E 27 12.61 -34.62 39.39
N GLY E 28 12.06 -35.10 40.50
CA GLY E 28 11.20 -34.33 41.38
C GLY E 28 9.89 -33.82 40.83
N ARG E 29 9.57 -32.57 41.16
CA ARG E 29 8.34 -31.88 40.77
C ARG E 29 8.53 -31.01 39.57
N THR E 30 9.58 -31.32 38.80
CA THR E 30 9.90 -30.53 37.62
C THR E 30 8.79 -30.59 36.58
N PHE E 31 8.12 -31.75 36.42
CA PHE E 31 7.00 -31.95 35.50
C PHE E 31 5.84 -30.99 35.74
N SER E 32 5.60 -30.65 37.02
CA SER E 32 4.53 -29.75 37.42
C SER E 32 4.89 -28.30 37.06
N SER E 33 6.15 -27.90 37.27
CA SER E 33 6.61 -26.54 37.00
C SER E 33 7.21 -26.29 35.60
N TYR E 34 7.57 -27.36 34.86
CA TYR E 34 8.22 -27.27 33.56
C TYR E 34 7.59 -28.11 32.45
N SER E 35 7.53 -27.52 31.24
CA SER E 35 7.03 -28.18 30.05
C SER E 35 8.19 -28.93 29.44
N MET E 36 7.90 -30.09 28.83
CA MET E 36 8.93 -30.93 28.24
C MET E 36 8.94 -30.89 26.74
N GLY E 37 10.12 -30.68 26.19
CA GLY E 37 10.31 -30.58 24.75
C GLY E 37 11.40 -31.51 24.27
N TRP E 38 11.32 -31.86 22.99
CA TRP E 38 12.26 -32.76 22.34
C TRP E 38 12.78 -32.11 21.03
N PHE E 39 14.12 -32.05 20.88
CA PHE E 39 14.81 -31.42 19.74
C PHE E 39 15.80 -32.40 19.07
N ARG E 40 15.81 -32.46 17.72
CA ARG E 40 16.70 -33.31 16.93
C ARG E 40 17.66 -32.43 16.11
N GLN E 41 18.94 -32.86 15.99
CA GLN E 41 20.01 -32.18 15.27
C GLN E 41 20.50 -33.06 14.12
N ALA E 42 20.16 -32.69 12.85
CA ALA E 42 20.48 -33.37 11.58
C ALA E 42 21.99 -33.28 11.30
N PRO E 43 22.58 -34.19 10.47
CA PRO E 43 24.03 -34.12 10.24
C PRO E 43 24.52 -32.79 9.68
N GLY E 44 25.50 -32.18 10.35
CA GLY E 44 26.10 -30.90 9.99
C GLY E 44 25.21 -29.68 10.03
N LYS E 45 24.04 -29.80 10.69
CA LYS E 45 23.05 -28.75 10.81
C LYS E 45 22.78 -28.36 12.24
N GLU E 46 22.20 -27.16 12.45
CA GLU E 46 21.76 -26.64 13.74
C GLU E 46 20.55 -27.42 14.28
N ARG E 47 20.46 -27.50 15.60
CA ARG E 47 19.39 -28.20 16.27
C ARG E 47 18.05 -27.51 16.08
N GLU E 48 17.01 -28.32 15.90
CA GLU E 48 15.65 -27.88 15.67
C GLU E 48 14.62 -28.58 16.60
N PHE E 49 13.55 -27.86 16.95
CA PHE E 49 12.46 -28.42 17.77
C PHE E 49 11.71 -29.50 16.99
N VAL E 50 11.28 -30.58 17.68
CA VAL E 50 10.54 -31.74 17.15
C VAL E 50 9.11 -31.73 17.72
N ALA E 51 9.00 -31.91 19.06
CA ALA E 51 7.72 -31.91 19.75
C ALA E 51 7.80 -31.40 21.19
N ALA E 52 6.70 -30.83 21.71
CA ALA E 52 6.61 -30.32 23.09
C ALA E 52 5.32 -30.73 23.79
N ILE E 53 5.40 -30.83 25.11
CA ILE E 53 4.29 -31.19 25.98
C ILE E 53 4.08 -30.08 27.02
N SER E 54 2.89 -29.47 27.02
CA SER E 54 2.57 -28.37 27.94
C SER E 54 2.13 -28.94 29.26
N ARG E 55 2.60 -28.35 30.36
CA ARG E 55 2.19 -28.86 31.66
C ARG E 55 0.88 -28.24 32.10
N SER E 56 0.62 -26.98 31.69
CA SER E 56 -0.58 -26.24 32.05
C SER E 56 -1.88 -26.81 31.47
N ASP E 57 -1.92 -26.99 30.13
CA ASP E 57 -3.09 -27.49 29.41
C ASP E 57 -2.88 -28.93 28.88
N ASN E 58 -1.65 -29.47 29.07
CA ASN E 58 -1.14 -30.78 28.64
C ASN E 58 -1.23 -30.95 27.11
N SER E 59 -1.27 -29.80 26.42
CA SER E 59 -1.36 -29.66 24.97
C SER E 59 -0.05 -30.11 24.33
N THR E 60 -0.15 -30.70 23.15
CA THR E 60 1.00 -31.20 22.41
C THR E 60 1.26 -30.36 21.17
N TYR E 61 2.55 -30.14 20.85
CA TYR E 61 3.00 -29.32 19.73
C TYR E 61 4.02 -30.08 18.92
N TYR E 62 3.91 -30.03 17.60
CA TYR E 62 4.80 -30.79 16.73
C TYR E 62 5.33 -29.95 15.59
N ALA E 63 6.53 -30.28 15.12
CA ALA E 63 7.12 -29.66 13.93
C ALA E 63 6.29 -30.24 12.77
N ASP E 64 6.01 -29.45 11.72
CA ASP E 64 5.19 -29.93 10.60
C ASP E 64 5.82 -31.07 9.81
N SER E 65 7.16 -31.23 9.89
CA SER E 65 7.89 -32.33 9.24
C SER E 65 7.66 -33.69 9.92
N VAL E 66 7.40 -33.68 11.24
CA VAL E 66 7.17 -34.90 12.02
C VAL E 66 5.68 -35.11 12.39
N LYS E 67 4.81 -34.18 12.02
CA LYS E 67 3.37 -34.22 12.30
C LYS E 67 2.70 -35.47 11.73
N GLY E 68 1.96 -36.18 12.59
CA GLY E 68 1.23 -37.39 12.23
C GLY E 68 2.00 -38.68 12.37
N ARG E 69 3.35 -38.58 12.41
CA ARG E 69 4.24 -39.73 12.55
C ARG E 69 4.77 -39.83 13.97
N PHE E 70 4.98 -38.66 14.64
CA PHE E 70 5.53 -38.59 15.98
C PHE E 70 4.46 -38.19 17.01
N THR E 71 4.52 -38.79 18.22
CA THR E 71 3.60 -38.53 19.32
C THR E 71 4.40 -38.37 20.61
N ILE E 72 4.12 -37.31 21.37
CA ILE E 72 4.75 -37.02 22.66
C ILE E 72 3.77 -37.41 23.78
N SER E 73 4.27 -38.11 24.82
CA SER E 73 3.45 -38.60 25.95
C SER E 73 4.01 -38.17 27.31
N ARG E 74 3.18 -38.18 28.37
CA ARG E 74 3.59 -37.82 29.74
C ARG E 74 3.02 -38.77 30.79
N ASP E 75 3.90 -39.25 31.69
CA ASP E 75 3.50 -40.08 32.82
C ASP E 75 4.00 -39.35 34.07
N SER E 76 3.06 -38.77 34.85
CA SER E 76 3.35 -38.02 36.07
C SER E 76 3.98 -38.87 37.18
N ALA E 77 3.51 -40.13 37.35
CA ALA E 77 4.01 -41.06 38.36
C ALA E 77 5.45 -41.53 38.07
N LYS E 78 5.72 -41.89 36.80
CA LYS E 78 7.02 -42.37 36.36
C LYS E 78 8.02 -41.23 36.10
N ASN E 79 7.51 -39.97 36.01
CA ASN E 79 8.29 -38.77 35.66
C ASN E 79 9.07 -39.06 34.38
N THR E 80 8.36 -39.60 33.38
CA THR E 80 8.93 -39.99 32.08
C THR E 80 8.09 -39.48 30.93
N VAL E 81 8.77 -39.06 29.83
CA VAL E 81 8.13 -38.58 28.60
C VAL E 81 8.51 -39.49 27.44
N TYR E 82 7.53 -39.94 26.65
CA TYR E 82 7.76 -40.84 25.53
C TYR E 82 7.54 -40.19 24.15
N LEU E 83 8.53 -40.26 23.24
CA LEU E 83 8.36 -39.78 21.86
C LEU E 83 8.25 -41.00 20.94
N GLN E 84 7.00 -41.34 20.56
CA GLN E 84 6.69 -42.44 19.67
C GLN E 84 6.87 -42.01 18.24
N MET E 85 7.90 -42.55 17.61
CA MET E 85 8.30 -42.26 16.24
C MET E 85 7.87 -43.40 15.31
N ASN E 86 6.97 -43.10 14.37
CA ASN E 86 6.43 -44.05 13.40
C ASN E 86 6.73 -43.55 11.99
N SER E 87 6.61 -44.44 10.97
CA SER E 87 6.85 -44.14 9.54
C SER E 87 8.18 -43.37 9.34
N LEU E 88 9.23 -43.83 10.05
CA LEU E 88 10.57 -43.22 10.06
C LEU E 88 11.22 -43.19 8.68
N LYS E 89 11.72 -42.01 8.31
CA LYS E 89 12.37 -41.73 7.03
C LYS E 89 13.87 -41.50 7.28
N PRO E 90 14.78 -41.66 6.28
CA PRO E 90 16.22 -41.40 6.55
C PRO E 90 16.53 -39.98 7.03
N GLU E 91 15.67 -38.99 6.68
CA GLU E 91 15.76 -37.58 7.09
C GLU E 91 15.63 -37.41 8.61
N ASP E 92 15.03 -38.39 9.30
CA ASP E 92 14.84 -38.41 10.75
C ASP E 92 16.10 -38.79 11.51
N THR E 93 17.15 -39.21 10.79
CA THR E 93 18.43 -39.55 11.41
C THR E 93 18.98 -38.26 12.00
N ALA E 94 19.19 -38.26 13.33
CA ALA E 94 19.65 -37.09 14.08
C ALA E 94 19.94 -37.50 15.53
N VAL E 95 20.48 -36.54 16.33
CA VAL E 95 20.78 -36.61 17.77
C VAL E 95 19.57 -35.99 18.50
N TYR E 96 18.73 -36.84 19.12
CA TYR E 96 17.50 -36.40 19.82
C TYR E 96 17.78 -35.99 21.30
N TYR E 97 17.67 -34.65 21.60
CA TYR E 97 17.95 -33.89 22.86
C TYR E 97 16.77 -33.54 23.78
N CYS E 98 16.94 -33.61 25.15
CA CYS E 98 15.82 -33.39 26.10
C CYS E 98 15.73 -32.03 26.65
N ALA E 99 14.55 -31.42 26.69
CA ALA E 99 14.63 -30.10 27.30
C ALA E 99 13.43 -29.73 28.14
N ALA E 100 13.67 -28.90 29.19
CA ALA E 100 12.62 -28.41 30.09
C ALA E 100 12.54 -26.88 30.04
N THR E 101 11.31 -26.37 29.95
CA THR E 101 11.04 -24.93 29.90
C THR E 101 10.05 -24.53 31.01
N PRO E 102 10.23 -23.36 31.66
CA PRO E 102 9.26 -22.94 32.68
C PRO E 102 7.92 -22.46 32.10
N TYR E 103 7.87 -22.24 30.77
CA TYR E 103 6.70 -21.76 30.04
C TYR E 103 5.69 -22.88 29.77
N GLY E 104 4.45 -22.50 29.46
CA GLY E 104 3.40 -23.46 29.19
C GLY E 104 2.55 -23.22 27.97
N SER E 105 2.70 -22.05 27.28
CA SER E 105 1.88 -21.74 26.10
C SER E 105 2.57 -22.01 24.77
N ARG E 106 1.77 -22.15 23.71
CA ARG E 106 2.25 -22.41 22.34
C ARG E 106 3.20 -21.37 21.79
N TYR E 107 3.14 -20.13 22.35
CA TYR E 107 3.96 -19.00 21.93
C TYR E 107 5.40 -19.09 22.40
N TYR E 108 5.69 -20.05 23.31
CA TYR E 108 7.02 -20.25 23.88
C TYR E 108 7.61 -21.66 23.73
N LEU E 109 6.75 -22.70 23.61
CA LEU E 109 7.19 -24.10 23.57
C LEU E 109 7.99 -24.51 22.31
N ARG E 110 7.89 -23.78 21.19
CA ARG E 110 8.64 -24.08 19.94
C ARG E 110 10.02 -23.40 19.91
N GLU E 111 10.26 -22.48 20.86
CA GLU E 111 11.48 -21.70 20.97
C GLU E 111 12.57 -22.40 21.81
N LEU E 112 13.60 -22.89 21.11
CA LEU E 112 14.78 -23.57 21.65
C LEU E 112 15.46 -22.73 22.76
N ARG E 113 15.54 -21.40 22.55
CA ARG E 113 16.13 -20.42 23.47
C ARG E 113 15.40 -20.33 24.83
N GLU E 114 14.10 -20.72 24.88
CA GLU E 114 13.27 -20.65 26.09
C GLU E 114 13.39 -21.89 26.99
N TYR E 115 14.18 -22.89 26.57
CA TYR E 115 14.41 -24.15 27.30
C TYR E 115 15.66 -24.08 28.18
N ASP E 116 15.48 -24.06 29.53
CA ASP E 116 16.50 -23.88 30.56
C ASP E 116 17.44 -25.05 30.78
N TYR E 117 16.91 -26.28 30.75
CA TYR E 117 17.68 -27.48 31.02
C TYR E 117 17.67 -28.42 29.85
N TRP E 118 18.78 -29.14 29.67
CA TRP E 118 18.96 -30.05 28.56
C TRP E 118 19.58 -31.37 28.97
N GLY E 119 19.38 -32.39 28.13
CA GLY E 119 19.95 -33.71 28.31
C GLY E 119 20.88 -34.03 27.16
N GLN E 120 21.76 -35.03 27.35
CA GLN E 120 22.76 -35.49 26.37
C GLN E 120 22.16 -35.99 25.05
N GLY E 121 21.08 -36.74 25.15
CA GLY E 121 20.41 -37.29 24.00
C GLY E 121 20.97 -38.59 23.48
N THR E 122 20.27 -39.19 22.52
CA THR E 122 20.71 -40.44 21.92
C THR E 122 20.61 -40.34 20.40
N GLN E 123 21.66 -40.83 19.72
CA GLN E 123 21.73 -40.84 18.27
C GLN E 123 20.76 -41.88 17.72
N VAL E 124 19.77 -41.45 16.91
CA VAL E 124 18.77 -42.29 16.25
C VAL E 124 19.12 -42.30 14.76
N THR E 125 19.30 -43.50 14.18
CA THR E 125 19.63 -43.62 12.77
C THR E 125 18.53 -44.40 12.05
N VAL E 126 18.16 -43.97 10.84
CA VAL E 126 17.17 -44.69 10.05
C VAL E 126 17.76 -45.03 8.67
N SER E 127 17.84 -46.35 8.34
CA SER E 127 18.36 -46.88 7.09
C SER E 127 17.58 -48.12 6.59
N ASP F 5 -3.65 -35.41 -4.52
CA ASP F 5 -2.84 -35.86 -5.63
C ASP F 5 -2.00 -34.73 -6.24
N VAL F 6 -2.45 -33.48 -6.03
CA VAL F 6 -1.82 -32.22 -6.50
C VAL F 6 -0.45 -32.01 -5.88
N GLN F 7 0.54 -31.71 -6.71
CA GLN F 7 1.88 -31.45 -6.24
C GLN F 7 2.23 -29.98 -6.37
N LEU F 8 2.85 -29.44 -5.31
CA LEU F 8 3.28 -28.05 -5.25
C LEU F 8 4.76 -28.01 -4.95
N VAL F 9 5.53 -27.28 -5.77
CA VAL F 9 6.99 -27.14 -5.58
C VAL F 9 7.37 -25.66 -5.62
N GLU F 10 7.98 -25.15 -4.54
CA GLU F 10 8.41 -23.75 -4.44
C GLU F 10 9.81 -23.58 -4.95
N SER F 11 10.10 -22.37 -5.45
CA SER F 11 11.39 -21.94 -5.98
C SER F 11 11.51 -20.42 -5.89
N GLY F 12 12.74 -19.92 -6.00
CA GLY F 12 13.02 -18.49 -5.98
C GLY F 12 13.46 -17.94 -4.65
N GLY F 13 13.59 -18.81 -3.65
CA GLY F 13 14.02 -18.41 -2.31
C GLY F 13 15.52 -18.26 -2.21
N GLY F 14 15.93 -17.14 -1.62
CA GLY F 14 17.34 -16.86 -1.44
C GLY F 14 17.64 -15.90 -0.32
N LEU F 15 18.87 -15.36 -0.35
CA LEU F 15 19.39 -14.41 0.61
C LEU F 15 19.39 -13.06 -0.07
N VAL F 16 18.83 -12.06 0.61
CA VAL F 16 18.74 -10.69 0.10
C VAL F 16 18.96 -9.68 1.25
N GLN F 17 19.39 -8.48 0.92
CA GLN F 17 19.61 -7.44 1.91
C GLN F 17 18.32 -6.69 2.24
N ALA F 18 18.29 -6.03 3.42
CA ALA F 18 17.19 -5.25 3.92
C ALA F 18 16.85 -4.14 2.90
N GLY F 19 15.56 -4.03 2.57
CA GLY F 19 15.02 -3.08 1.61
C GLY F 19 15.03 -3.62 0.19
N GLY F 20 15.51 -4.85 0.03
CA GLY F 20 15.58 -5.55 -1.24
C GLY F 20 14.28 -6.23 -1.61
N SER F 21 14.23 -6.72 -2.85
CA SER F 21 13.05 -7.39 -3.40
C SER F 21 13.40 -8.82 -3.79
N LEU F 22 12.45 -9.72 -3.68
CA LEU F 22 12.61 -11.12 -4.03
C LEU F 22 11.26 -11.68 -4.54
N ARG F 23 11.33 -12.63 -5.45
CA ARG F 23 10.14 -13.26 -6.02
C ARG F 23 10.19 -14.78 -5.86
N VAL F 24 9.18 -15.32 -5.19
CA VAL F 24 9.04 -16.75 -5.00
C VAL F 24 7.89 -17.27 -5.87
N SER F 25 8.10 -18.43 -6.48
CA SER F 25 7.09 -19.05 -7.33
C SER F 25 6.71 -20.43 -6.80
N CYS F 26 5.59 -20.96 -7.29
CA CYS F 26 5.06 -22.26 -6.92
C CYS F 26 4.45 -22.90 -8.16
N ALA F 27 4.96 -24.08 -8.52
CA ALA F 27 4.48 -24.84 -9.67
C ALA F 27 3.40 -25.81 -9.24
N ALA F 28 2.20 -25.76 -9.84
CA ALA F 28 1.15 -26.69 -9.46
C ALA F 28 0.82 -27.63 -10.61
N SER F 29 0.74 -28.93 -10.31
CA SER F 29 0.43 -30.00 -11.27
C SER F 29 -0.99 -29.87 -11.83
N GLY F 30 -1.17 -30.26 -13.10
CA GLY F 30 -2.45 -30.28 -13.78
C GLY F 30 -3.15 -28.93 -13.94
N ARG F 31 -4.48 -28.94 -13.81
CA ARG F 31 -5.35 -27.76 -13.92
C ARG F 31 -6.02 -27.45 -12.57
N THR F 32 -5.22 -27.54 -11.49
CA THR F 32 -5.56 -27.37 -10.07
C THR F 32 -5.92 -25.93 -9.76
N PHE F 33 -5.44 -24.99 -10.59
CA PHE F 33 -5.70 -23.55 -10.50
C PHE F 33 -7.18 -23.21 -10.63
N SER F 34 -7.89 -23.98 -11.47
CA SER F 34 -9.31 -23.79 -11.69
C SER F 34 -10.13 -24.27 -10.48
N SER F 35 -9.74 -25.40 -9.88
CA SER F 35 -10.45 -25.99 -8.74
C SER F 35 -9.99 -25.52 -7.33
N TYR F 36 -8.74 -25.04 -7.25
CA TYR F 36 -8.11 -24.62 -5.99
C TYR F 36 -7.67 -23.18 -5.94
N SER F 37 -7.92 -22.53 -4.81
CA SER F 37 -7.40 -21.19 -4.49
C SER F 37 -6.01 -21.42 -3.90
N MET F 38 -5.10 -20.49 -4.19
CA MET F 38 -3.69 -20.60 -3.82
C MET F 38 -3.29 -19.62 -2.78
N GLY F 39 -2.53 -20.12 -1.82
CA GLY F 39 -2.02 -19.32 -0.70
C GLY F 39 -0.54 -19.50 -0.46
N TRP F 40 0.04 -18.52 0.24
CA TRP F 40 1.40 -18.47 0.72
C TRP F 40 1.35 -18.32 2.24
N PHE F 41 2.18 -19.10 2.92
CA PHE F 41 2.36 -19.15 4.36
C PHE F 41 3.85 -19.07 4.60
N ARG F 42 4.25 -18.74 5.83
CA ARG F 42 5.66 -18.69 6.22
C ARG F 42 5.85 -19.19 7.66
N GLN F 43 6.99 -19.82 7.90
CA GLN F 43 7.34 -20.33 9.22
C GLN F 43 8.73 -19.82 9.64
N ALA F 44 8.72 -18.84 10.53
CA ALA F 44 9.90 -18.22 11.11
C ALA F 44 10.48 -19.09 12.23
N PRO F 45 11.77 -18.94 12.59
CA PRO F 45 12.32 -19.78 13.69
C PRO F 45 11.56 -19.62 15.03
N GLY F 46 11.18 -20.75 15.62
CA GLY F 46 10.47 -20.79 16.90
C GLY F 46 9.03 -20.31 16.87
N LYS F 47 8.50 -20.08 15.67
CA LYS F 47 7.13 -19.62 15.47
C LYS F 47 6.33 -20.62 14.67
N GLU F 48 5.00 -20.61 14.85
CA GLU F 48 4.09 -21.47 14.10
C GLU F 48 3.93 -20.89 12.69
N ARG F 49 3.52 -21.73 11.73
CA ARG F 49 3.28 -21.35 10.33
C ARG F 49 2.10 -20.35 10.28
N GLU F 50 2.34 -19.18 9.66
CA GLU F 50 1.36 -18.09 9.56
C GLU F 50 0.99 -17.78 8.11
N PHE F 51 -0.25 -17.32 7.92
CA PHE F 51 -0.76 -16.88 6.63
C PHE F 51 0.04 -15.68 6.11
N VAL F 52 0.32 -15.63 4.79
CA VAL F 52 1.00 -14.49 4.17
C VAL F 52 0.07 -13.82 3.16
N ALA F 53 -0.34 -14.53 2.11
CA ALA F 53 -1.22 -14.05 1.04
C ALA F 53 -2.03 -15.17 0.39
N ALA F 54 -3.16 -14.80 -0.25
CA ALA F 54 -4.01 -15.76 -0.95
C ALA F 54 -4.67 -15.15 -2.18
N ILE F 55 -4.91 -15.97 -3.16
CA ILE F 55 -5.60 -15.56 -4.37
C ILE F 55 -6.76 -16.53 -4.60
N SER F 56 -7.99 -16.00 -4.64
CA SER F 56 -9.22 -16.78 -4.82
C SER F 56 -9.42 -17.18 -6.25
N ARG F 57 -9.77 -18.47 -6.47
CA ARG F 57 -10.07 -19.05 -7.79
C ARG F 57 -11.43 -18.57 -8.33
N SER F 58 -12.33 -18.08 -7.46
CA SER F 58 -13.69 -17.64 -7.84
C SER F 58 -13.79 -16.25 -8.44
N ASP F 59 -13.12 -15.24 -7.83
CA ASP F 59 -13.18 -13.85 -8.28
C ASP F 59 -11.81 -13.21 -8.42
N ASN F 60 -10.75 -13.98 -8.16
CA ASN F 60 -9.36 -13.54 -8.19
C ASN F 60 -9.07 -12.44 -7.16
N SER F 61 -9.85 -12.39 -6.06
CA SER F 61 -9.58 -11.42 -5.00
C SER F 61 -8.32 -11.85 -4.23
N THR F 62 -7.56 -10.86 -3.77
CA THR F 62 -6.29 -11.09 -3.07
C THR F 62 -6.42 -10.73 -1.61
N TYR F 63 -5.74 -11.50 -0.75
CA TYR F 63 -5.79 -11.35 0.71
C TYR F 63 -4.39 -11.34 1.25
N TYR F 64 -4.11 -10.45 2.21
CA TYR F 64 -2.76 -10.32 2.75
C TYR F 64 -2.77 -10.23 4.24
N ALA F 65 -1.69 -10.73 4.86
CA ALA F 65 -1.47 -10.56 6.31
C ALA F 65 -1.12 -9.09 6.49
N ASP F 66 -1.54 -8.48 7.56
CA ASP F 66 -1.33 -7.05 7.83
C ASP F 66 0.13 -6.67 7.92
N SER F 67 1.00 -7.62 8.29
CA SER F 67 2.45 -7.41 8.40
C SER F 67 3.13 -7.25 7.04
N VAL F 68 2.58 -7.88 5.98
CA VAL F 68 3.15 -7.88 4.62
C VAL F 68 2.36 -6.99 3.63
N LYS F 69 1.25 -6.37 4.07
CA LYS F 69 0.38 -5.50 3.25
C LYS F 69 1.13 -4.32 2.61
N GLY F 70 1.00 -4.21 1.29
CA GLY F 70 1.63 -3.14 0.52
C GLY F 70 3.02 -3.44 -0.02
N ARG F 71 3.74 -4.38 0.64
CA ARG F 71 5.08 -4.79 0.26
C ARG F 71 5.02 -6.08 -0.58
N PHE F 72 4.06 -6.97 -0.28
CA PHE F 72 3.92 -8.26 -0.96
C PHE F 72 2.69 -8.26 -1.91
N THR F 73 2.83 -8.91 -3.07
CA THR F 73 1.78 -9.05 -4.08
C THR F 73 1.74 -10.48 -4.56
N ILE F 74 0.53 -11.06 -4.59
CA ILE F 74 0.29 -12.42 -5.06
C ILE F 74 -0.27 -12.36 -6.48
N SER F 75 0.28 -13.17 -7.40
CA SER F 75 -0.12 -13.22 -8.81
C SER F 75 -0.36 -14.64 -9.26
N ARG F 76 -1.23 -14.79 -10.24
CA ARG F 76 -1.52 -16.09 -10.79
C ARG F 76 -1.28 -16.08 -12.28
N ASP F 77 -0.79 -17.22 -12.77
CA ASP F 77 -0.56 -17.47 -14.19
C ASP F 77 -1.13 -18.87 -14.42
N SER F 78 -2.46 -18.96 -14.62
CA SER F 78 -3.17 -20.23 -14.82
C SER F 78 -2.70 -20.97 -16.07
N ALA F 79 -2.43 -20.21 -17.15
CA ALA F 79 -1.95 -20.71 -18.44
C ALA F 79 -0.63 -21.51 -18.31
N LYS F 80 0.22 -21.10 -17.33
CA LYS F 80 1.53 -21.68 -17.01
C LYS F 80 1.50 -22.50 -15.69
N ASN F 81 0.36 -22.43 -14.96
CA ASN F 81 0.11 -23.08 -13.67
C ASN F 81 1.21 -22.75 -12.62
N THR F 82 1.42 -21.45 -12.38
CA THR F 82 2.38 -20.92 -11.42
C THR F 82 1.80 -19.77 -10.57
N VAL F 83 2.06 -19.78 -9.26
CA VAL F 83 1.68 -18.69 -8.35
C VAL F 83 2.95 -17.91 -8.02
N TYR F 84 2.89 -16.59 -8.03
CA TYR F 84 4.04 -15.74 -7.73
C TYR F 84 3.77 -14.88 -6.50
N LEU F 85 4.79 -14.66 -5.71
CA LEU F 85 4.66 -13.77 -4.56
C LEU F 85 5.83 -12.77 -4.67
N GLN F 86 5.52 -11.54 -5.13
CA GLN F 86 6.49 -10.46 -5.28
C GLN F 86 6.64 -9.81 -3.91
N MET F 87 7.82 -10.00 -3.30
CA MET F 87 8.15 -9.47 -1.99
C MET F 87 9.09 -8.31 -2.16
N ASN F 88 8.65 -7.09 -1.80
CA ASN F 88 9.42 -5.84 -1.89
C ASN F 88 9.63 -5.27 -0.48
N SER F 89 10.57 -4.30 -0.34
CA SER F 89 10.87 -3.63 0.94
C SER F 89 11.09 -4.65 2.08
N LEU F 90 11.80 -5.74 1.77
CA LEU F 90 12.06 -6.86 2.69
C LEU F 90 12.80 -6.45 3.93
N LYS F 91 12.27 -6.89 5.09
CA LYS F 91 12.83 -6.58 6.41
C LYS F 91 13.40 -7.87 7.02
N PRO F 92 14.30 -7.83 8.02
CA PRO F 92 14.81 -9.08 8.61
C PRO F 92 13.73 -9.98 9.23
N GLU F 93 12.60 -9.40 9.66
CA GLU F 93 11.43 -10.13 10.21
C GLU F 93 10.79 -11.06 9.17
N ASP F 94 11.04 -10.81 7.87
CA ASP F 94 10.52 -11.61 6.78
C ASP F 94 11.28 -12.90 6.55
N THR F 95 12.38 -13.09 7.26
CA THR F 95 13.17 -14.32 7.24
C THR F 95 12.27 -15.43 7.80
N ALA F 96 12.00 -16.43 6.95
CA ALA F 96 11.16 -17.59 7.26
C ALA F 96 11.28 -18.58 6.11
N VAL F 97 10.74 -19.78 6.31
CA VAL F 97 10.59 -20.78 5.25
C VAL F 97 9.20 -20.45 4.67
N TYR F 98 9.12 -20.19 3.36
CA TYR F 98 7.86 -19.86 2.70
C TYR F 98 7.28 -21.08 2.03
N TYR F 99 6.05 -21.43 2.41
CA TYR F 99 5.30 -22.54 1.86
C TYR F 99 4.09 -22.07 1.07
N CYS F 100 3.88 -22.73 -0.02
CA CYS F 100 2.80 -22.57 -0.96
C CYS F 100 1.75 -23.66 -0.64
N ALA F 101 0.45 -23.30 -0.70
CA ALA F 101 -0.62 -24.22 -0.37
C ALA F 101 -1.86 -24.03 -1.25
N ALA F 102 -2.66 -25.10 -1.40
CA ALA F 102 -3.90 -25.10 -2.20
C ALA F 102 -5.10 -25.43 -1.36
N THR F 103 -6.17 -24.62 -1.49
CA THR F 103 -7.45 -24.81 -0.80
C THR F 103 -8.61 -24.96 -1.78
N PRO F 104 -9.58 -25.87 -1.56
CA PRO F 104 -10.72 -25.95 -2.49
C PRO F 104 -11.69 -24.76 -2.35
N TYR F 105 -11.53 -23.96 -1.28
CA TYR F 105 -12.37 -22.81 -0.94
C TYR F 105 -12.03 -21.56 -1.76
N GLY F 106 -12.95 -20.60 -1.80
CA GLY F 106 -12.77 -19.38 -2.59
C GLY F 106 -13.10 -18.07 -1.91
N SER F 107 -13.70 -18.09 -0.71
CA SER F 107 -14.10 -16.84 -0.03
C SER F 107 -13.14 -16.42 1.08
N ARG F 108 -13.20 -15.13 1.46
CA ARG F 108 -12.36 -14.54 2.51
C ARG F 108 -12.49 -15.22 3.91
N TYR F 109 -13.62 -15.90 4.14
CA TYR F 109 -13.90 -16.59 5.41
C TYR F 109 -13.14 -17.90 5.56
N TYR F 110 -12.50 -18.37 4.47
CA TYR F 110 -11.74 -19.60 4.44
C TYR F 110 -10.27 -19.47 4.00
N LEU F 111 -9.93 -18.46 3.17
CA LEU F 111 -8.59 -18.33 2.58
C LEU F 111 -7.44 -17.98 3.54
N ARG F 112 -7.71 -17.38 4.70
CA ARG F 112 -6.66 -17.05 5.68
C ARG F 112 -6.41 -18.19 6.68
N GLU F 113 -7.28 -19.23 6.64
CA GLU F 113 -7.26 -20.36 7.55
C GLU F 113 -6.40 -21.49 7.06
N LEU F 114 -5.25 -21.66 7.74
CA LEU F 114 -4.23 -22.69 7.54
C LEU F 114 -4.84 -24.12 7.50
N ARG F 115 -5.83 -24.38 8.39
CA ARG F 115 -6.55 -25.66 8.51
C ARG F 115 -7.43 -26.00 7.29
N GLU F 116 -7.68 -25.03 6.40
CA GLU F 116 -8.51 -25.23 5.21
C GLU F 116 -7.73 -25.56 3.95
N TYR F 117 -6.39 -25.65 4.07
CA TYR F 117 -5.50 -25.94 2.95
C TYR F 117 -5.16 -27.41 2.89
N ASP F 118 -5.55 -28.07 1.80
CA ASP F 118 -5.38 -29.50 1.59
C ASP F 118 -3.99 -29.93 1.19
N TYR F 119 -3.34 -29.17 0.31
CA TYR F 119 -2.03 -29.54 -0.23
C TYR F 119 -0.98 -28.50 0.11
N TRP F 120 0.25 -28.95 0.35
CA TRP F 120 1.34 -28.08 0.73
C TRP F 120 2.61 -28.35 -0.03
N GLY F 121 3.39 -27.29 -0.22
CA GLY F 121 4.71 -27.36 -0.84
C GLY F 121 5.73 -27.75 0.22
N GLN F 122 6.99 -28.00 -0.20
CA GLN F 122 8.04 -28.42 0.72
C GLN F 122 8.73 -27.23 1.42
N GLY F 123 8.55 -26.03 0.86
CA GLY F 123 9.06 -24.77 1.40
C GLY F 123 10.31 -24.24 0.73
N THR F 124 10.47 -22.92 0.78
CA THR F 124 11.67 -22.28 0.28
C THR F 124 12.12 -21.22 1.30
N GLN F 125 13.35 -21.35 1.74
CA GLN F 125 13.95 -20.47 2.72
C GLN F 125 14.26 -19.13 2.11
N VAL F 126 13.78 -18.10 2.77
CA VAL F 126 14.08 -16.73 2.41
C VAL F 126 14.76 -16.13 3.64
N THR F 127 15.98 -15.59 3.49
CA THR F 127 16.72 -14.95 4.58
C THR F 127 16.93 -13.48 4.18
N VAL F 128 16.63 -12.54 5.12
CA VAL F 128 16.78 -11.10 4.89
C VAL F 128 17.82 -10.59 5.90
N SER F 129 18.96 -10.10 5.38
CA SER F 129 20.08 -9.64 6.19
C SER F 129 20.03 -8.15 6.39
N SER F 130 20.51 -7.70 7.58
CA SER F 130 20.57 -6.29 7.95
C SER F 130 21.63 -5.57 7.09
N HIS F 131 22.49 -6.33 6.35
CA HIS F 131 23.50 -5.85 5.38
C HIS F 131 23.02 -4.63 4.60
N HIS F 132 23.81 -3.57 4.70
CA HIS F 132 23.61 -2.32 3.97
C HIS F 132 25.01 -1.84 3.56
N HIS F 133 25.09 -1.11 2.44
CA HIS F 133 26.31 -0.57 1.89
C HIS F 133 26.99 0.34 2.93
N HIS F 134 28.32 0.21 3.09
CA HIS F 134 29.14 0.97 4.03
C HIS F 134 29.22 2.48 3.73
N HIS F 135 29.31 2.84 2.43
CA HIS F 135 29.41 4.19 1.86
C HIS F 135 30.73 4.89 2.23
N ASP G 3 -23.58 42.42 -11.28
CA ASP G 3 -24.89 41.81 -11.10
C ASP G 3 -25.00 40.43 -11.77
N VAL G 4 -25.42 39.45 -10.97
CA VAL G 4 -25.72 38.10 -11.44
C VAL G 4 -27.21 37.94 -11.26
N GLN G 5 -27.92 37.72 -12.37
CA GLN G 5 -29.37 37.55 -12.40
C GLN G 5 -29.73 36.05 -12.59
N LEU G 6 -30.41 35.44 -11.56
CA LEU G 6 -30.83 34.05 -11.48
C LEU G 6 -32.34 33.97 -11.42
N VAL G 7 -32.92 33.18 -12.31
CA VAL G 7 -34.38 33.01 -12.38
C VAL G 7 -34.71 31.52 -12.43
N GLU G 8 -35.46 31.03 -11.44
CA GLU G 8 -35.89 29.63 -11.39
C GLU G 8 -37.18 29.43 -12.13
N SER G 9 -37.36 28.21 -12.65
CA SER G 9 -38.53 27.73 -13.36
C SER G 9 -38.67 26.21 -13.20
N GLY G 10 -39.86 25.70 -13.48
CA GLY G 10 -40.15 24.27 -13.40
C GLY G 10 -40.76 23.79 -12.11
N GLY G 11 -41.07 24.70 -11.19
CA GLY G 11 -41.72 24.35 -9.94
C GLY G 11 -43.20 24.07 -10.16
N GLY G 12 -43.73 23.12 -9.40
CA GLY G 12 -45.13 22.78 -9.49
C GLY G 12 -45.57 21.86 -8.38
N LEU G 13 -46.77 21.32 -8.55
CA LEU G 13 -47.41 20.38 -7.68
C LEU G 13 -47.28 18.99 -8.32
N VAL G 14 -46.87 18.00 -7.52
CA VAL G 14 -46.69 16.63 -7.97
C VAL G 14 -47.10 15.64 -6.84
N GLN G 15 -47.47 14.41 -7.22
CA GLN G 15 -47.85 13.39 -6.25
C GLN G 15 -46.62 12.67 -5.67
N ALA G 16 -46.80 12.04 -4.49
CA ALA G 16 -45.76 11.28 -3.80
C ALA G 16 -45.24 10.16 -4.70
N GLY G 17 -43.91 10.07 -4.79
CA GLY G 17 -43.18 9.11 -5.63
C GLY G 17 -42.98 9.60 -7.04
N GLY G 18 -43.44 10.83 -7.31
CA GLY G 18 -43.31 11.48 -8.60
C GLY G 18 -41.97 12.16 -8.78
N SER G 19 -41.72 12.64 -10.00
CA SER G 19 -40.48 13.32 -10.37
C SER G 19 -40.78 14.72 -10.86
N LEU G 20 -39.85 15.63 -10.65
CA LEU G 20 -39.96 17.02 -11.07
C LEU G 20 -38.56 17.57 -11.37
N ARG G 21 -38.45 18.49 -12.34
CA ARG G 21 -37.20 19.10 -12.74
C ARG G 21 -37.28 20.62 -12.71
N VAL G 22 -36.48 21.22 -11.81
CA VAL G 22 -36.36 22.67 -11.69
C VAL G 22 -35.10 23.15 -12.40
N SER G 23 -35.21 24.25 -13.11
CA SER G 23 -34.09 24.86 -13.80
C SER G 23 -33.80 26.27 -13.27
N CYS G 24 -32.61 26.79 -13.60
CA CYS G 24 -32.17 28.10 -13.20
C CYS G 24 -31.40 28.70 -14.36
N ALA G 25 -31.82 29.90 -14.81
CA ALA G 25 -31.19 30.61 -15.92
C ALA G 25 -30.19 31.63 -15.37
N ALA G 26 -28.96 31.62 -15.87
CA ALA G 26 -27.97 32.59 -15.44
C ALA G 26 -27.25 33.20 -16.63
N SER G 27 -26.87 34.50 -16.50
CA SER G 27 -26.28 35.39 -17.51
C SER G 27 -25.42 34.72 -18.61
N GLY G 28 -24.40 33.95 -18.24
CA GLY G 28 -23.57 33.29 -19.24
C GLY G 28 -22.11 33.24 -18.85
N ARG G 29 -21.60 34.40 -18.45
CA ARG G 29 -20.24 34.51 -17.98
C ARG G 29 -20.22 34.07 -16.51
N THR G 30 -21.41 34.10 -15.85
CA THR G 30 -21.56 33.74 -14.43
C THR G 30 -21.15 32.29 -14.12
N PHE G 31 -21.47 31.30 -14.98
CA PHE G 31 -21.07 29.90 -14.74
C PHE G 31 -19.57 29.69 -14.74
N SER G 32 -18.85 30.49 -15.51
CA SER G 32 -17.40 30.38 -15.55
C SER G 32 -16.81 30.85 -14.20
N SER G 33 -17.33 31.97 -13.65
CA SER G 33 -16.84 32.55 -12.41
C SER G 33 -17.53 32.06 -11.11
N TYR G 34 -18.74 31.51 -11.23
CA TYR G 34 -19.56 31.07 -10.10
C TYR G 34 -19.96 29.63 -10.14
N SER G 35 -19.86 28.97 -8.97
CA SER G 35 -20.37 27.62 -8.71
C SER G 35 -21.84 27.79 -8.35
N MET G 36 -22.66 26.86 -8.79
CA MET G 36 -24.11 26.91 -8.65
C MET G 36 -24.65 25.95 -7.64
N GLY G 37 -25.56 26.42 -6.83
CA GLY G 37 -26.20 25.60 -5.82
C GLY G 37 -27.71 25.74 -5.80
N TRP G 38 -28.35 24.80 -5.14
CA TRP G 38 -29.79 24.70 -4.88
C TRP G 38 -29.98 24.60 -3.38
N PHE G 39 -30.94 25.38 -2.89
CA PHE G 39 -31.32 25.43 -1.48
C PHE G 39 -32.81 25.33 -1.46
N ARG G 40 -33.40 25.01 -0.30
CA ARG G 40 -34.85 24.95 -0.13
C ARG G 40 -35.29 25.50 1.23
N GLN G 41 -36.46 26.14 1.27
CA GLN G 41 -37.02 26.70 2.49
C GLN G 41 -38.44 26.19 2.71
N ALA G 42 -38.55 25.23 3.62
CA ALA G 42 -39.79 24.59 4.00
C ALA G 42 -40.59 25.47 4.98
N PRO G 43 -41.92 25.23 5.14
CA PRO G 43 -42.69 26.02 6.12
C PRO G 43 -42.14 25.88 7.55
N GLY G 44 -41.94 27.03 8.20
CA GLY G 44 -41.44 27.14 9.57
C GLY G 44 -39.97 26.81 9.76
N LYS G 45 -39.24 26.58 8.65
CA LYS G 45 -37.83 26.20 8.71
C LYS G 45 -36.95 27.22 8.01
N GLU G 46 -35.69 27.29 8.39
CA GLU G 46 -34.73 28.16 7.71
C GLU G 46 -34.27 27.47 6.42
N ARG G 47 -33.76 28.28 5.46
CA ARG G 47 -33.24 27.83 4.17
C ARG G 47 -32.06 26.85 4.36
N GLU G 48 -32.14 25.66 3.74
CA GLU G 48 -31.12 24.61 3.83
C GLU G 48 -30.53 24.23 2.47
N PHE G 49 -29.26 23.83 2.47
CA PHE G 49 -28.55 23.31 1.31
C PHE G 49 -29.24 22.07 0.73
N VAL G 50 -29.29 21.98 -0.62
CA VAL G 50 -29.82 20.80 -1.31
C VAL G 50 -28.70 20.15 -2.13
N ALA G 51 -28.17 20.86 -3.12
CA ALA G 51 -27.12 20.39 -4.04
C ALA G 51 -26.26 21.53 -4.57
N ALA G 52 -25.04 21.22 -4.99
CA ALA G 52 -24.13 22.21 -5.58
C ALA G 52 -23.28 21.55 -6.63
N ILE G 53 -22.85 22.34 -7.62
CA ILE G 53 -21.98 21.93 -8.72
C ILE G 53 -20.82 22.93 -8.80
N SER G 54 -19.59 22.41 -8.74
CA SER G 54 -18.37 23.22 -8.80
C SER G 54 -18.05 23.71 -10.18
N ARG G 55 -17.62 24.98 -10.28
CA ARG G 55 -17.15 25.57 -11.54
C ARG G 55 -15.72 25.10 -11.83
N SER G 56 -14.97 24.64 -10.81
CA SER G 56 -13.55 24.26 -10.98
C SER G 56 -13.30 22.88 -11.54
N ASP G 57 -14.03 21.86 -11.04
CA ASP G 57 -13.82 20.46 -11.45
C ASP G 57 -15.11 19.75 -11.78
N ASN G 58 -16.23 20.49 -11.71
CA ASN G 58 -17.59 19.99 -11.98
C ASN G 58 -18.02 18.90 -10.97
N SER G 59 -17.43 18.89 -9.76
CA SER G 59 -17.86 17.93 -8.73
C SER G 59 -19.22 18.32 -8.19
N THR G 60 -20.03 17.31 -7.84
CA THR G 60 -21.38 17.52 -7.32
C THR G 60 -21.47 17.22 -5.82
N TYR G 61 -22.29 17.98 -5.10
CA TYR G 61 -22.46 17.86 -3.66
C TYR G 61 -23.95 17.80 -3.32
N TYR G 62 -24.35 16.89 -2.42
CA TYR G 62 -25.74 16.72 -2.07
C TYR G 62 -25.96 16.64 -0.57
N ALA G 63 -27.13 17.13 -0.12
CA ALA G 63 -27.56 17.02 1.27
C ALA G 63 -27.90 15.54 1.43
N ASP G 64 -27.67 15.00 2.62
CA ASP G 64 -27.89 13.58 2.92
C ASP G 64 -29.37 13.15 2.78
N SER G 65 -30.30 14.10 2.95
CA SER G 65 -31.74 13.84 2.86
C SER G 65 -32.21 13.67 1.40
N VAL G 66 -31.48 14.25 0.43
CA VAL G 66 -31.87 14.20 -0.98
C VAL G 66 -30.93 13.36 -1.82
N LYS G 67 -29.82 12.88 -1.23
CA LYS G 67 -28.69 12.24 -1.92
C LYS G 67 -29.04 11.31 -3.13
N GLY G 68 -29.75 10.20 -2.92
CA GLY G 68 -29.98 9.31 -4.05
C GLY G 68 -30.95 9.74 -5.12
N ARG G 69 -31.94 10.53 -4.71
CA ARG G 69 -33.11 10.98 -5.45
C ARG G 69 -32.92 12.21 -6.32
N PHE G 70 -32.05 13.15 -5.89
CA PHE G 70 -31.79 14.40 -6.59
C PHE G 70 -30.45 14.40 -7.32
N THR G 71 -30.44 15.02 -8.52
CA THR G 71 -29.26 15.14 -9.39
C THR G 71 -29.15 16.56 -9.90
N ILE G 72 -27.97 17.15 -9.74
CA ILE G 72 -27.66 18.49 -10.25
C ILE G 72 -26.80 18.38 -11.52
N SER G 73 -27.16 19.16 -12.54
CA SER G 73 -26.47 19.21 -13.84
C SER G 73 -26.38 20.63 -14.36
N ARG G 74 -25.44 20.88 -15.26
CA ARG G 74 -25.25 22.20 -15.82
C ARG G 74 -24.98 22.12 -17.31
N ASP G 75 -25.73 22.90 -18.11
CA ASP G 75 -25.50 23.05 -19.54
C ASP G 75 -24.78 24.41 -19.69
N SER G 76 -23.46 24.37 -19.98
CA SER G 76 -22.63 25.56 -20.15
C SER G 76 -23.05 26.43 -21.35
N ALA G 77 -23.46 25.78 -22.47
CA ALA G 77 -23.90 26.44 -23.71
C ALA G 77 -25.24 27.17 -23.52
N LYS G 78 -26.21 26.51 -22.87
CA LYS G 78 -27.57 27.03 -22.61
C LYS G 78 -27.61 27.96 -21.37
N ASN G 79 -26.55 27.95 -20.54
CA ASN G 79 -26.42 28.72 -19.30
C ASN G 79 -27.59 28.44 -18.32
N THR G 80 -27.87 27.13 -18.14
CA THR G 80 -28.92 26.63 -17.28
C THR G 80 -28.42 25.52 -16.36
N VAL G 81 -28.83 25.57 -15.08
CA VAL G 81 -28.50 24.57 -14.07
C VAL G 81 -29.81 23.90 -13.69
N TYR G 82 -29.81 22.57 -13.69
CA TYR G 82 -31.01 21.77 -13.44
C TYR G 82 -30.89 20.96 -12.18
N LEU G 83 -32.05 20.64 -11.58
CA LEU G 83 -32.11 19.77 -10.43
C LEU G 83 -33.22 18.75 -10.69
N GLN G 84 -32.80 17.52 -11.04
CA GLN G 84 -33.71 16.42 -11.30
C GLN G 84 -34.07 15.77 -9.99
N MET G 85 -35.32 15.94 -9.60
CA MET G 85 -35.91 15.46 -8.36
C MET G 85 -36.77 14.24 -8.65
N ASN G 86 -36.38 13.09 -8.09
CA ASN G 86 -37.09 11.82 -8.26
C ASN G 86 -37.51 11.29 -6.89
N SER G 87 -38.47 10.31 -6.87
CA SER G 87 -39.00 9.67 -5.65
C SER G 87 -39.38 10.72 -4.60
N LEU G 88 -40.04 11.80 -5.05
CA LEU G 88 -40.46 12.93 -4.22
C LEU G 88 -41.39 12.54 -3.10
N LYS G 89 -41.06 13.00 -1.88
CA LYS G 89 -41.79 12.74 -0.65
C LYS G 89 -42.49 14.04 -0.19
N PRO G 90 -43.55 14.00 0.65
CA PRO G 90 -44.16 15.28 1.10
C PRO G 90 -43.21 16.22 1.86
N GLU G 91 -42.14 15.67 2.47
CA GLU G 91 -41.08 16.40 3.21
C GLU G 91 -40.29 17.32 2.28
N ASP G 92 -40.34 17.04 0.94
CA ASP G 92 -39.65 17.82 -0.08
C ASP G 92 -40.38 19.10 -0.43
N THR G 93 -41.59 19.29 0.11
CA THR G 93 -42.35 20.51 -0.11
C THR G 93 -41.56 21.67 0.50
N ALA G 94 -41.19 22.65 -0.33
CA ALA G 94 -40.43 23.84 0.05
C ALA G 94 -40.38 24.78 -1.15
N VAL G 95 -39.87 26.00 -0.92
CA VAL G 95 -39.57 26.97 -1.97
C VAL G 95 -38.12 26.64 -2.30
N TYR G 96 -37.83 26.33 -3.55
CA TYR G 96 -36.48 25.99 -4.02
C TYR G 96 -35.81 27.20 -4.64
N TYR G 97 -34.59 27.46 -4.18
CA TYR G 97 -33.75 28.56 -4.52
C TYR G 97 -32.50 28.13 -5.22
N CYS G 98 -32.19 28.87 -6.21
CA CYS G 98 -30.99 28.72 -6.98
C CYS G 98 -30.05 29.83 -6.49
N ALA G 99 -28.77 29.52 -6.32
CA ALA G 99 -27.77 30.48 -5.83
C ALA G 99 -26.40 30.32 -6.49
N ALA G 100 -25.63 31.42 -6.55
CA ALA G 100 -24.29 31.45 -7.12
C ALA G 100 -23.25 31.84 -6.07
N THR G 101 -22.15 31.06 -6.00
CA THR G 101 -21.01 31.32 -5.11
C THR G 101 -19.71 31.47 -5.90
N PRO G 102 -18.82 32.41 -5.54
CA PRO G 102 -17.55 32.54 -6.28
C PRO G 102 -16.57 31.39 -5.99
N TYR G 103 -16.85 30.59 -4.96
CA TYR G 103 -16.02 29.49 -4.49
C TYR G 103 -16.17 28.22 -5.34
N GLY G 104 -15.21 27.31 -5.22
CA GLY G 104 -15.23 26.08 -6.02
C GLY G 104 -14.98 24.78 -5.27
N SER G 105 -14.55 24.85 -3.99
CA SER G 105 -14.22 23.63 -3.23
C SER G 105 -15.36 23.17 -2.31
N ARG G 106 -15.32 21.87 -1.91
CA ARG G 106 -16.29 21.24 -0.99
C ARG G 106 -16.40 21.93 0.39
N TYR G 107 -15.36 22.67 0.79
CA TYR G 107 -15.32 23.37 2.07
C TYR G 107 -16.15 24.65 2.10
N TYR G 108 -16.61 25.09 0.92
CA TYR G 108 -17.41 26.29 0.78
C TYR G 108 -18.80 26.11 0.09
N LEU G 109 -18.97 25.09 -0.76
CA LEU G 109 -20.20 24.90 -1.55
C LEU G 109 -21.45 24.52 -0.76
N ARG G 110 -21.35 23.96 0.47
CA ARG G 110 -22.55 23.59 1.27
C ARG G 110 -22.99 24.74 2.21
N GLU G 111 -22.17 25.80 2.28
CA GLU G 111 -22.37 26.94 3.17
C GLU G 111 -23.18 28.02 2.52
N LEU G 112 -24.42 28.17 3.00
CA LEU G 112 -25.42 29.15 2.58
C LEU G 112 -24.88 30.60 2.61
N ARG G 113 -24.08 30.92 3.64
CA ARG G 113 -23.43 32.20 3.88
C ARG G 113 -22.48 32.60 2.71
N GLU G 114 -21.94 31.61 1.99
CA GLU G 114 -20.95 31.82 0.94
C GLU G 114 -21.54 32.10 -0.44
N TYR G 115 -22.86 32.14 -0.55
CA TYR G 115 -23.57 32.42 -1.79
C TYR G 115 -23.90 33.89 -1.87
N ASP G 116 -23.42 34.54 -2.95
CA ASP G 116 -23.59 35.97 -3.20
C ASP G 116 -24.92 36.37 -3.84
N TYR G 117 -25.40 35.56 -4.80
CA TYR G 117 -26.61 35.85 -5.56
C TYR G 117 -27.64 34.79 -5.39
N TRP G 118 -28.90 35.19 -5.40
CA TRP G 118 -30.02 34.28 -5.19
C TRP G 118 -31.13 34.49 -6.19
N GLY G 119 -31.83 33.41 -6.49
CA GLY G 119 -32.99 33.46 -7.35
C GLY G 119 -34.20 33.85 -6.52
N GLN G 120 -35.34 34.11 -7.19
CA GLN G 120 -36.58 34.48 -6.50
C GLN G 120 -37.20 33.32 -5.74
N GLY G 121 -36.96 32.11 -6.23
CA GLY G 121 -37.44 30.85 -5.69
C GLY G 121 -38.65 30.29 -6.41
N THR G 122 -38.74 28.97 -6.51
CA THR G 122 -39.88 28.31 -7.14
C THR G 122 -40.47 27.30 -6.15
N GLN G 123 -41.77 27.40 -5.93
CA GLN G 123 -42.49 26.55 -5.01
C GLN G 123 -42.66 25.18 -5.61
N VAL G 124 -42.27 24.17 -4.83
CA VAL G 124 -42.48 22.78 -5.16
C VAL G 124 -43.34 22.18 -4.02
N THR G 125 -44.51 21.64 -4.34
CA THR G 125 -45.40 20.99 -3.35
C THR G 125 -45.53 19.51 -3.72
N VAL G 126 -45.40 18.61 -2.72
CA VAL G 126 -45.55 17.16 -2.92
C VAL G 126 -46.75 16.69 -2.07
N SER G 127 -47.80 16.17 -2.75
CA SER G 127 -49.05 15.71 -2.14
C SER G 127 -49.12 14.17 -2.03
N SER G 128 -50.22 13.65 -1.42
CA SER G 128 -50.53 12.22 -1.30
C SER G 128 -51.09 11.52 -2.57
N HIS G 129 -50.79 10.21 -2.69
CA HIS G 129 -51.12 9.25 -3.78
C HIS G 129 -52.56 9.26 -4.29
N HIS G 130 -52.72 8.94 -5.58
CA HIS G 130 -54.01 8.80 -6.26
C HIS G 130 -54.55 7.38 -5.99
N HIS G 131 -55.89 7.23 -5.91
CA HIS G 131 -56.63 5.97 -5.72
C HIS G 131 -55.92 4.98 -4.78
N VAL H 4 40.69 7.39 -11.01
CA VAL H 4 39.99 6.44 -11.88
C VAL H 4 40.98 5.58 -12.64
N GLN H 5 40.87 4.27 -12.47
CA GLN H 5 41.72 3.28 -13.12
C GLN H 5 40.94 2.54 -14.19
N LEU H 6 41.45 2.59 -15.42
CA LEU H 6 40.81 1.93 -16.57
C LEU H 6 41.76 0.93 -17.20
N VAL H 7 41.29 -0.31 -17.39
CA VAL H 7 42.12 -1.37 -18.00
C VAL H 7 41.31 -2.08 -19.10
N GLU H 8 41.82 -2.07 -20.34
CA GLU H 8 41.18 -2.71 -21.49
C GLU H 8 41.61 -4.16 -21.62
N SER H 9 40.73 -4.98 -22.21
CA SER H 9 40.92 -6.40 -22.50
C SER H 9 39.99 -6.84 -23.64
N GLY H 10 40.28 -8.00 -24.22
CA GLY H 10 39.47 -8.58 -25.29
C GLY H 10 39.92 -8.26 -26.70
N GLY H 11 40.96 -7.43 -26.81
CA GLY H 11 41.52 -6.97 -28.08
C GLY H 11 42.47 -7.94 -28.73
N GLY H 12 42.01 -8.57 -29.81
CA GLY H 12 42.79 -9.54 -30.57
C GLY H 12 42.57 -9.50 -32.06
N LEU H 13 43.58 -9.94 -32.84
CA LEU H 13 43.50 -9.99 -34.30
C LEU H 13 42.43 -10.98 -34.76
N VAL H 14 41.62 -10.55 -35.71
CA VAL H 14 40.49 -11.26 -36.30
C VAL H 14 40.51 -11.05 -37.83
N GLN H 15 39.82 -11.90 -38.59
CA GLN H 15 39.76 -11.77 -40.05
C GLN H 15 38.69 -10.77 -40.48
N ALA H 16 38.78 -10.28 -41.73
CA ALA H 16 37.83 -9.34 -42.33
C ALA H 16 36.42 -9.92 -42.31
N GLY H 17 35.47 -9.11 -41.85
CA GLY H 17 34.06 -9.46 -41.72
C GLY H 17 33.74 -10.14 -40.41
N GLY H 18 34.77 -10.38 -39.59
CA GLY H 18 34.68 -11.01 -38.27
C GLY H 18 34.30 -10.03 -37.18
N SER H 19 33.82 -10.53 -36.05
CA SER H 19 33.37 -9.75 -34.90
C SER H 19 34.32 -9.93 -33.73
N LEU H 20 34.41 -8.90 -32.88
CA LEU H 20 35.26 -8.90 -31.70
C LEU H 20 34.63 -8.06 -30.59
N ARG H 21 34.94 -8.42 -29.33
CA ARG H 21 34.46 -7.79 -28.11
C ARG H 21 35.63 -7.21 -27.32
N VAL H 22 35.60 -5.89 -27.04
CA VAL H 22 36.59 -5.25 -26.16
C VAL H 22 35.90 -4.74 -24.92
N SER H 23 36.50 -4.98 -23.75
CA SER H 23 35.94 -4.53 -22.48
C SER H 23 36.89 -3.58 -21.76
N CYS H 24 36.35 -2.88 -20.75
CA CYS H 24 37.10 -1.91 -19.95
C CYS H 24 36.58 -1.99 -18.52
N ALA H 25 37.51 -2.26 -17.59
CA ALA H 25 37.24 -2.38 -16.15
C ALA H 25 37.41 -1.03 -15.47
N ALA H 26 36.38 -0.69 -14.65
CA ALA H 26 36.22 0.54 -13.87
C ALA H 26 36.51 0.38 -12.39
N SER H 27 37.31 1.31 -11.85
CA SER H 27 37.68 1.31 -10.44
C SER H 27 36.79 2.24 -9.62
N GLY H 28 36.06 1.69 -8.68
CA GLY H 28 35.17 2.45 -7.83
C GLY H 28 33.87 2.73 -8.53
N ARG H 29 33.20 3.81 -8.12
CA ARG H 29 31.93 4.23 -8.70
C ARG H 29 32.16 5.28 -9.78
N THR H 30 33.00 4.90 -10.74
CA THR H 30 33.33 5.78 -11.85
C THR H 30 32.15 5.89 -12.76
N PHE H 31 31.44 4.77 -12.99
CA PHE H 31 30.27 4.65 -13.84
C PHE H 31 29.15 5.64 -13.50
N SER H 32 28.98 5.95 -12.22
CA SER H 32 27.94 6.87 -11.80
C SER H 32 28.36 8.31 -12.09
N SER H 33 29.62 8.67 -11.81
CA SER H 33 30.13 10.03 -12.00
C SER H 33 30.73 10.34 -13.39
N TYR H 34 31.14 9.31 -14.15
CA TYR H 34 31.80 9.42 -15.44
C TYR H 34 31.12 8.72 -16.59
N SER H 35 31.07 9.41 -17.73
CA SER H 35 30.61 8.85 -18.99
C SER H 35 31.81 8.18 -19.63
N MET H 36 31.56 7.06 -20.29
CA MET H 36 32.61 6.23 -20.85
C MET H 36 32.68 6.31 -22.35
N GLY H 37 33.90 6.38 -22.85
CA GLY H 37 34.15 6.46 -24.27
C GLY H 37 35.23 5.52 -24.75
N TRP H 38 35.22 5.25 -26.06
CA TRP H 38 36.19 4.43 -26.78
C TRP H 38 36.78 5.32 -27.87
N PHE H 39 38.10 5.26 -27.98
CA PHE H 39 38.92 6.00 -28.93
C PHE H 39 39.90 5.01 -29.55
N ARG H 40 40.35 5.26 -30.78
CA ARG H 40 41.30 4.40 -31.45
C ARG H 40 42.43 5.19 -32.09
N GLN H 41 43.64 4.61 -32.11
CA GLN H 41 44.80 5.23 -32.70
C GLN H 41 45.46 4.29 -33.74
N ALA H 42 45.20 4.60 -35.00
CA ALA H 42 45.69 3.86 -36.15
C ALA H 42 47.16 4.22 -36.46
N PRO H 43 47.92 3.37 -37.20
CA PRO H 43 49.31 3.72 -37.52
C PRO H 43 49.45 5.03 -38.29
N GLY H 44 50.32 5.92 -37.78
CA GLY H 44 50.61 7.22 -38.36
C GLY H 44 49.50 8.26 -38.23
N LYS H 45 48.44 7.93 -37.47
CA LYS H 45 47.30 8.81 -37.27
C LYS H 45 47.13 9.19 -35.80
N GLU H 46 46.45 10.31 -35.55
CA GLU H 46 46.18 10.73 -34.19
C GLU H 46 44.96 9.98 -33.66
N ARG H 47 44.83 9.90 -32.32
CA ARG H 47 43.73 9.26 -31.59
C ARG H 47 42.38 9.94 -31.93
N GLU H 48 41.41 9.12 -32.41
CA GLU H 48 40.06 9.56 -32.82
C GLU H 48 38.95 8.92 -32.01
N PHE H 49 37.81 9.64 -31.94
CA PHE H 49 36.58 9.20 -31.27
C PHE H 49 35.97 7.97 -31.97
N VAL H 50 35.54 6.95 -31.18
CA VAL H 50 34.89 5.77 -31.73
C VAL H 50 33.43 5.74 -31.26
N ALA H 51 33.21 5.56 -29.94
CA ALA H 51 31.89 5.52 -29.33
C ALA H 51 31.88 6.07 -27.90
N ALA H 52 30.70 6.51 -27.40
CA ALA H 52 30.54 7.01 -26.04
C ALA H 52 29.17 6.68 -25.50
N ILE H 53 29.11 6.39 -24.19
CA ILE H 53 27.87 6.12 -23.48
C ILE H 53 27.75 7.14 -22.33
N SER H 54 26.63 7.87 -22.33
CA SER H 54 26.38 8.88 -21.31
C SER H 54 25.93 8.26 -19.99
N ARG H 55 26.44 8.82 -18.88
CA ARG H 55 26.09 8.40 -17.51
C ARG H 55 24.73 8.98 -17.07
N SER H 56 24.26 10.05 -17.72
CA SER H 56 23.02 10.72 -17.36
C SER H 56 21.73 10.04 -17.87
N ASP H 57 21.70 9.72 -19.18
CA ASP H 57 20.52 9.17 -19.82
C ASP H 57 20.80 7.90 -20.59
N ASN H 58 22.06 7.42 -20.53
CA ASN H 58 22.57 6.24 -21.21
C ASN H 58 22.47 6.34 -22.75
N SER H 59 22.52 7.57 -23.28
CA SER H 59 22.52 7.80 -24.73
C SER H 59 23.87 7.36 -25.29
N THR H 60 23.86 6.80 -26.50
CA THR H 60 25.06 6.30 -27.17
C THR H 60 25.43 7.19 -28.35
N TYR H 61 26.74 7.37 -28.58
CA TYR H 61 27.29 8.24 -29.64
C TYR H 61 28.34 7.48 -30.41
N TYR H 62 28.33 7.60 -31.74
CA TYR H 62 29.26 6.86 -32.58
C TYR H 62 29.90 7.73 -33.63
N ALA H 63 31.13 7.36 -34.03
CA ALA H 63 31.82 8.01 -35.13
C ALA H 63 31.07 7.52 -36.38
N ASP H 64 30.94 8.37 -37.41
CA ASP H 64 30.21 8.01 -38.63
C ASP H 64 30.86 6.88 -39.43
N SER H 65 32.16 6.62 -39.21
CA SER H 65 32.88 5.52 -39.87
C SER H 65 32.50 4.15 -39.27
N VAL H 66 32.13 4.16 -37.98
CA VAL H 66 31.82 2.97 -37.18
C VAL H 66 30.32 2.79 -36.87
N LYS H 67 29.49 3.76 -37.31
CA LYS H 67 28.04 3.83 -37.13
C LYS H 67 27.32 2.58 -37.68
N GLY H 68 26.45 1.99 -36.84
CA GLY H 68 25.68 0.80 -37.16
C GLY H 68 26.41 -0.51 -36.90
N ARG H 69 27.68 -0.58 -37.37
CA ARG H 69 28.57 -1.73 -37.23
C ARG H 69 28.98 -1.99 -35.76
N PHE H 70 29.27 -0.91 -34.99
CA PHE H 70 29.71 -0.99 -33.58
C PHE H 70 28.62 -0.65 -32.56
N THR H 71 28.74 -1.20 -31.32
CA THR H 71 27.78 -0.96 -30.24
C THR H 71 28.49 -0.86 -28.89
N ILE H 72 28.15 0.18 -28.11
CA ILE H 72 28.70 0.41 -26.78
C ILE H 72 27.65 -0.02 -25.72
N SER H 73 28.07 -0.81 -24.70
CA SER H 73 27.23 -1.37 -23.64
C SER H 73 27.83 -1.10 -22.24
N ARG H 74 26.98 -1.08 -21.18
CA ARG H 74 27.43 -0.78 -19.81
C ARG H 74 26.78 -1.69 -18.73
N ASP H 75 27.60 -2.18 -17.76
CA ASP H 75 27.15 -2.97 -16.61
C ASP H 75 27.64 -2.28 -15.34
N SER H 76 26.71 -1.59 -14.61
CA SER H 76 27.05 -0.86 -13.39
C SER H 76 27.46 -1.76 -12.22
N ALA H 77 26.85 -2.94 -12.09
CA ALA H 77 27.17 -3.91 -11.03
C ALA H 77 28.57 -4.53 -11.20
N LYS H 78 28.91 -4.93 -12.43
CA LYS H 78 30.19 -5.53 -12.80
C LYS H 78 31.32 -4.49 -13.01
N ASN H 79 30.94 -3.20 -13.17
CA ASN H 79 31.82 -2.05 -13.41
C ASN H 79 32.65 -2.26 -14.69
N THR H 80 31.97 -2.70 -15.76
CA THR H 80 32.57 -3.01 -17.06
C THR H 80 31.78 -2.42 -18.22
N VAL H 81 32.49 -1.90 -19.21
CA VAL H 81 31.88 -1.34 -20.41
C VAL H 81 32.37 -2.16 -21.62
N TYR H 82 31.48 -2.48 -22.57
CA TYR H 82 31.83 -3.30 -23.74
C TYR H 82 31.60 -2.60 -25.06
N LEU H 83 32.49 -2.85 -26.03
CA LEU H 83 32.36 -2.33 -27.38
C LEU H 83 32.28 -3.53 -28.32
N GLN H 84 31.04 -3.84 -28.78
CA GLN H 84 30.78 -4.94 -29.70
C GLN H 84 31.08 -4.47 -31.10
N MET H 85 32.14 -5.03 -31.66
CA MET H 85 32.67 -4.72 -32.98
C MET H 85 32.27 -5.80 -33.97
N ASN H 86 31.46 -5.46 -34.96
CA ASN H 86 31.00 -6.39 -36.01
C ASN H 86 31.42 -5.87 -37.39
N SER H 87 31.38 -6.75 -38.42
CA SER H 87 31.74 -6.45 -39.81
C SER H 87 33.09 -5.71 -39.90
N LEU H 88 34.08 -6.16 -39.12
CA LEU H 88 35.41 -5.56 -39.02
C LEU H 88 36.16 -5.55 -40.35
N LYS H 89 36.70 -4.38 -40.70
CA LYS H 89 37.45 -4.14 -41.93
C LYS H 89 38.93 -3.92 -41.59
N PRO H 90 39.90 -4.08 -42.52
CA PRO H 90 41.32 -3.83 -42.16
C PRO H 90 41.62 -2.41 -41.68
N GLU H 91 40.79 -1.42 -42.08
CA GLU H 91 40.88 0.00 -41.69
C GLU H 91 40.63 0.19 -40.17
N ASP H 92 39.98 -0.81 -39.53
CA ASP H 92 39.69 -0.81 -38.09
C ASP H 92 40.89 -1.19 -37.24
N THR H 93 42.01 -1.58 -37.88
CA THR H 93 43.26 -1.91 -37.19
C THR H 93 43.75 -0.63 -36.53
N ALA H 94 43.83 -0.66 -35.19
CA ALA H 94 44.26 0.46 -34.34
C ALA H 94 44.43 -0.03 -32.92
N VAL H 95 45.00 0.83 -32.06
CA VAL H 95 45.10 0.58 -30.64
C VAL H 95 43.80 1.20 -30.09
N TYR H 96 42.97 0.41 -29.42
CA TYR H 96 41.70 0.88 -28.86
C TYR H 96 41.87 1.24 -27.41
N TYR H 97 41.61 2.51 -27.14
CA TYR H 97 41.69 3.12 -25.83
C TYR H 97 40.28 3.38 -25.29
N CYS H 98 40.12 3.15 -23.97
CA CYS H 98 38.94 3.37 -23.15
C CYS H 98 39.23 4.65 -22.32
N ALA H 99 38.24 5.54 -22.17
CA ALA H 99 38.39 6.80 -21.45
C ALA H 99 37.16 7.20 -20.67
N ALA H 100 37.35 8.01 -19.59
CA ALA H 100 36.28 8.50 -18.73
C ALA H 100 36.24 10.02 -18.73
N THR H 101 35.03 10.57 -18.91
CA THR H 101 34.76 12.02 -18.92
C THR H 101 33.71 12.37 -17.86
N PRO H 102 33.85 13.47 -17.09
CA PRO H 102 32.82 13.81 -16.09
C PRO H 102 31.53 14.33 -16.72
N TYR H 103 31.56 14.63 -18.02
CA TYR H 103 30.46 15.16 -18.80
C TYR H 103 29.43 14.12 -19.22
N GLY H 104 28.22 14.56 -19.58
CA GLY H 104 27.15 13.63 -19.96
C GLY H 104 26.37 13.96 -21.21
N SER H 105 26.59 15.14 -21.82
CA SER H 105 25.86 15.52 -23.04
C SER H 105 26.65 15.32 -24.32
N ARG H 106 25.92 15.23 -25.48
CA ARG H 106 26.49 15.06 -26.82
C ARG H 106 27.49 16.14 -27.24
N TYR H 107 27.41 17.32 -26.61
CA TYR H 107 28.26 18.47 -26.90
C TYR H 107 29.65 18.35 -26.32
N TYR H 108 29.88 17.32 -25.46
CA TYR H 108 31.15 17.08 -24.79
C TYR H 108 31.74 15.67 -24.99
N LEU H 109 30.89 14.65 -25.24
CA LEU H 109 31.32 13.24 -25.31
C LEU H 109 32.24 12.89 -26.49
N ARG H 110 32.22 13.67 -27.60
CA ARG H 110 33.07 13.41 -28.79
C ARG H 110 34.43 14.10 -28.69
N GLU H 111 34.58 15.00 -27.71
CA GLU H 111 35.77 15.81 -27.47
C GLU H 111 36.82 15.11 -26.59
N LEU H 112 37.91 14.66 -27.24
CA LEU H 112 39.05 13.95 -26.69
C LEU H 112 39.66 14.68 -25.47
N ARG H 113 39.74 16.03 -25.54
CA ARG H 113 40.28 16.90 -24.50
C ARG H 113 39.42 16.89 -23.22
N GLU H 114 38.14 16.50 -23.31
CA GLU H 114 37.23 16.49 -22.17
C GLU H 114 37.31 15.21 -21.33
N TYR H 115 38.17 14.26 -21.72
CA TYR H 115 38.32 12.97 -21.06
C TYR H 115 39.49 13.03 -20.09
N ASP H 116 39.20 12.85 -18.79
CA ASP H 116 40.18 12.96 -17.71
C ASP H 116 41.08 11.74 -17.54
N TYR H 117 40.54 10.54 -17.69
CA TYR H 117 41.27 9.30 -17.45
C TYR H 117 41.30 8.43 -18.67
N TRP H 118 42.41 7.72 -18.85
CA TRP H 118 42.61 6.87 -20.03
C TRP H 118 43.14 5.51 -19.67
N GLY H 119 42.76 4.53 -20.48
CA GLY H 119 43.23 3.18 -20.37
C GLY H 119 44.59 3.03 -21.00
N GLN H 120 45.15 1.86 -20.81
CA GLN H 120 46.48 1.43 -21.23
C GLN H 120 46.67 1.30 -22.73
N GLY H 121 45.73 0.68 -23.43
CA GLY H 121 45.82 0.54 -24.88
C GLY H 121 45.92 -0.86 -25.46
N THR H 122 44.80 -1.59 -25.43
CA THR H 122 44.72 -2.92 -26.03
C THR H 122 44.79 -2.73 -27.56
N GLN H 123 45.52 -3.62 -28.27
CA GLN H 123 45.67 -3.47 -29.73
C GLN H 123 44.82 -4.48 -30.54
N VAL H 124 44.12 -4.01 -31.61
CA VAL H 124 43.20 -4.81 -32.45
C VAL H 124 43.66 -4.77 -33.90
N THR H 125 43.98 -5.94 -34.48
CA THR H 125 44.43 -6.04 -35.87
C THR H 125 43.37 -6.80 -36.68
N VAL H 126 43.04 -6.31 -37.89
CA VAL H 126 42.05 -6.95 -38.79
C VAL H 126 42.80 -7.31 -40.09
N SER H 127 43.01 -8.62 -40.36
CA SER H 127 43.74 -9.11 -41.54
C SER H 127 42.83 -9.41 -42.73
#